data_6B58
#
_entry.id   6B58
#
_cell.length_a   64.640
_cell.length_b   63.330
_cell.length_c   175.580
_cell.angle_alpha   90.00
_cell.angle_beta   96.83
_cell.angle_gamma   90.00
#
_symmetry.space_group_name_H-M   'P 1 21 1'
#
loop_
_entity.id
_entity.type
_entity.pdbx_description
1 polymer 'Fumarate reductase flavoprotein subunit'
2 polymer 'FAD assembly factor SdhE'
3 non-polymer 'FLAVIN-ADENINE DINUCLEOTIDE'
4 non-polymer 'POTASSIUM ION'
5 non-polymer 'ACETATE ION'
6 non-polymer 1,2-ETHANEDIOL
7 non-polymer DI(HYDROXYETHYL)ETHER
8 non-polymer 'MALONATE ION'
9 non-polymer GLYCEROL
10 water water
#
loop_
_entity_poly.entity_id
_entity_poly.type
_entity_poly.pdbx_seq_one_letter_code
_entity_poly.pdbx_strand_id
1 'polypeptide(L)'
;MQTFQADLAIVGAGGAGLRAAIAAAQANPNAKIALISKVYPMRSHTVAAEGGSAAVAQDHDSFEYHFHDTVAGGDWLCEQ
DVVDYFVHHCPTEMTQLELWGCPWSRRPDGSVNVRRFGGMKIERTWFAADKTGFHMLHTLFQTSLQFPQIQRFDEHFVLD
ILVDDGHVRGLVAMNMMEGTLVQIRANAVVMATGGAGRVYRYNTNGGIVTGDGMGMALSHGVPLRDMEFVQYHPTGLPGS
GILMTEGCRGEGGILVNKNGYRYLQDYGMGPETPLGEPKNKYMELGPRDKVSQAFWHEWRKGNTISTPRGDVVYLDLRHL
GEKKLHERLPFICELAKAYVGVDPVKEPIPVRPTAHYTMGGIETDQNCETRIKGLFAVGECSSVGLHGANRLGSNSLAEL
VVFGRLAGEQATERAATAGNGNEAAIEAQAAGVEQRLKDLVNQDGGENWAKIRDEMGLAMEEGCGIYRTPELMQKTIDKL
AELQERFKRVRITDTSSVFNTDLLYTIELGHGLNVAECMAHSAMARKESRGAHQRLDEGCTERDDVNFLKHTLAFRDADG
TTRLEYSDVKITTLPPA
;
A,C
2 'polypeptide(L)'
;KA(PBF)IHWACRRGMRELDISIMPFFEHEYDSLSDDEKRIFIRLLECDDPDLFNWLMNHGKPADAELEMMVRLIQTRNR
ERG
;
B,D
#
# COMPACT_ATOMS: atom_id res chain seq x y z
N MET A 1 0.76 36.36 20.60
CA MET A 1 0.86 35.54 21.81
C MET A 1 0.47 36.29 23.09
N GLN A 2 -0.83 36.29 23.43
CA GLN A 2 -1.27 36.64 24.78
C GLN A 2 -0.63 35.70 25.79
N THR A 3 -0.44 36.19 27.02
CA THR A 3 0.15 35.33 28.03
C THR A 3 -0.59 35.50 29.35
N PHE A 4 -0.55 34.44 30.17
CA PHE A 4 -1.28 34.40 31.42
C PHE A 4 -0.40 33.75 32.49
N GLN A 5 -0.10 34.50 33.54
CA GLN A 5 0.82 34.06 34.58
C GLN A 5 0.02 33.34 35.66
N ALA A 6 0.19 32.03 35.76
CA ALA A 6 -0.51 31.25 36.77
C ALA A 6 0.50 30.65 37.74
N ASP A 7 -0.02 30.10 38.86
CA ASP A 7 0.85 29.30 39.73
C ASP A 7 0.93 27.87 39.22
N LEU A 8 -0.22 27.29 38.87
CA LEU A 8 -0.35 25.96 38.31
C LEU A 8 -1.21 26.01 37.07
N ALA A 9 -0.81 25.26 36.05
CA ALA A 9 -1.68 24.96 34.93
C ALA A 9 -2.00 23.47 34.95
N ILE A 10 -3.27 23.14 34.73
CA ILE A 10 -3.74 21.77 34.68
C ILE A 10 -4.27 21.52 33.28
N VAL A 11 -3.69 20.53 32.61
CA VAL A 11 -4.04 20.18 31.25
C VAL A 11 -5.02 19.02 31.35
N GLY A 12 -6.30 19.32 31.22
CA GLY A 12 -7.29 18.27 31.35
C GLY A 12 -8.34 18.59 32.38
N ALA A 13 -9.59 18.58 31.96
CA ALA A 13 -10.65 18.95 32.86
C ALA A 13 -11.66 17.83 32.93
N GLY A 14 -11.17 16.61 33.09
CA GLY A 14 -11.98 15.47 33.44
C GLY A 14 -11.93 15.20 34.92
N GLY A 15 -12.34 13.98 35.30
CA GLY A 15 -12.38 13.62 36.71
C GLY A 15 -11.08 13.95 37.45
N ALA A 16 -9.94 13.61 36.84
CA ALA A 16 -8.66 13.77 37.50
C ALA A 16 -8.23 15.23 37.55
N GLY A 17 -8.31 15.94 36.42
CA GLY A 17 -7.86 17.32 36.38
C GLY A 17 -8.70 18.25 37.24
N LEU A 18 -10.02 18.08 37.21
CA LEU A 18 -10.91 18.87 38.05
C LEU A 18 -10.60 18.64 39.51
N ARG A 19 -10.56 17.38 39.91
CA ARG A 19 -10.23 17.09 41.30
C ARG A 19 -8.91 17.69 41.66
N ALA A 20 -7.94 17.67 40.74
CA ALA A 20 -6.67 18.33 41.00
C ALA A 20 -6.88 19.82 41.21
N ALA A 21 -7.73 20.44 40.37
CA ALA A 21 -7.89 21.89 40.45
C ALA A 21 -8.56 22.30 41.76
N ILE A 22 -9.60 21.58 42.17
CA ILE A 22 -10.21 21.86 43.45
C ILE A 22 -9.18 21.70 44.57
N ALA A 23 -8.37 20.64 44.47
CA ALA A 23 -7.38 20.38 45.49
C ALA A 23 -6.40 21.52 45.61
N ALA A 24 -6.01 22.11 44.48
CA ALA A 24 -5.06 23.23 44.52
C ALA A 24 -5.72 24.51 45.00
N ALA A 25 -7.00 24.73 44.70
CA ALA A 25 -7.69 25.88 45.24
C ALA A 25 -7.85 25.75 46.74
N GLN A 26 -8.08 24.53 47.22
CA GLN A 26 -8.23 24.39 48.66
C GLN A 26 -6.90 24.42 49.38
N ALA A 27 -5.80 24.05 48.71
CA ALA A 27 -4.50 24.03 49.38
C ALA A 27 -3.90 25.42 49.49
N ASN A 28 -4.00 26.22 48.44
CA ASN A 28 -3.51 27.60 48.46
C ASN A 28 -4.59 28.50 47.93
N PRO A 29 -5.38 29.13 48.81
CA PRO A 29 -6.50 29.97 48.34
C PRO A 29 -6.07 31.22 47.62
N ASN A 30 -4.78 31.51 47.55
CA ASN A 30 -4.30 32.70 46.86
C ASN A 30 -3.77 32.37 45.47
N ALA A 31 -4.07 31.17 44.98
CA ALA A 31 -3.46 30.69 43.76
C ALA A 31 -4.27 31.10 42.53
N LYS A 32 -3.56 31.35 41.44
CA LYS A 32 -4.16 31.41 40.13
C LYS A 32 -3.94 30.04 39.48
N ILE A 33 -5.03 29.33 39.21
CA ILE A 33 -4.99 27.98 38.66
C ILE A 33 -5.64 28.01 37.30
N ALA A 34 -4.86 27.75 36.26
CA ALA A 34 -5.40 27.65 34.91
C ALA A 34 -5.79 26.20 34.65
N LEU A 35 -7.07 25.98 34.37
CA LEU A 35 -7.62 24.66 34.10
C LEU A 35 -8.02 24.62 32.63
N ILE A 36 -7.30 23.81 31.83
CA ILE A 36 -7.33 23.90 30.38
C ILE A 36 -7.92 22.64 29.76
N SER A 37 -8.79 22.82 28.77
CA SER A 37 -9.38 21.65 28.16
C SER A 37 -9.77 21.94 26.73
N LYS A 38 -9.54 20.98 25.83
CA LYS A 38 -9.92 21.20 24.44
C LYS A 38 -11.42 21.01 24.20
N VAL A 39 -12.15 20.58 25.22
CA VAL A 39 -13.59 20.44 25.16
C VAL A 39 -14.16 21.02 26.45
N TYR A 40 -15.36 21.57 26.36
CA TYR A 40 -16.13 21.86 27.56
C TYR A 40 -16.02 20.66 28.49
N PRO A 41 -15.56 20.85 29.73
CA PRO A 41 -15.16 19.69 30.56
C PRO A 41 -16.23 18.65 30.69
N MET A 42 -17.49 19.04 30.67
CA MET A 42 -18.59 18.08 30.80
C MET A 42 -18.63 17.10 29.64
N ARG A 43 -17.72 17.22 28.67
CA ARG A 43 -17.62 16.33 27.54
C ARG A 43 -16.33 15.52 27.58
N SER A 44 -15.61 15.58 28.71
CA SER A 44 -14.46 14.74 28.93
C SER A 44 -14.87 13.28 28.98
N HIS A 45 -13.94 12.40 28.67
CA HIS A 45 -14.31 10.99 28.60
C HIS A 45 -14.92 10.52 29.91
N THR A 46 -14.56 11.17 31.02
CA THR A 46 -15.07 10.76 32.32
C THR A 46 -16.60 10.76 32.38
N VAL A 47 -17.30 11.60 31.59
CA VAL A 47 -18.77 11.50 31.56
C VAL A 47 -19.26 10.11 31.14
N ALA A 48 -18.45 9.35 30.42
CA ALA A 48 -18.99 8.17 29.78
C ALA A 48 -19.00 6.94 30.69
N ALA A 49 -18.27 6.94 31.81
CA ALA A 49 -18.23 5.75 32.66
C ALA A 49 -19.60 5.44 33.28
N GLU A 50 -19.90 4.15 33.42
CA GLU A 50 -21.16 3.74 34.03
C GLU A 50 -20.94 2.59 35.01
N ASP A 59 -14.57 -6.50 49.28
CA ASP A 59 -14.64 -5.39 48.33
C ASP A 59 -13.77 -4.23 48.81
N HIS A 60 -14.40 -3.11 49.17
CA HIS A 60 -13.74 -2.21 50.11
C HIS A 60 -14.46 -2.25 51.44
N ASP A 61 -14.64 -3.48 51.94
CA ASP A 61 -14.82 -3.72 53.36
C ASP A 61 -13.49 -3.84 54.10
N SER A 62 -12.40 -4.06 53.36
CA SER A 62 -11.08 -4.25 53.95
C SER A 62 -10.02 -3.55 53.12
N PHE A 63 -9.14 -2.80 53.78
CA PHE A 63 -7.98 -2.30 53.09
C PHE A 63 -7.14 -3.44 52.54
N GLU A 64 -7.07 -4.56 53.27
CA GLU A 64 -6.24 -5.68 52.81
C GLU A 64 -6.84 -6.36 51.60
N TYR A 65 -8.13 -6.67 51.65
CA TYR A 65 -8.78 -7.31 50.52
C TYR A 65 -8.76 -6.42 49.28
N HIS A 66 -8.71 -5.11 49.44
CA HIS A 66 -8.62 -4.24 48.28
C HIS A 66 -7.18 -4.11 47.79
N PHE A 67 -6.21 -4.05 48.70
CA PHE A 67 -4.79 -4.01 48.31
C PHE A 67 -4.38 -5.32 47.65
N HIS A 68 -4.92 -6.44 48.14
CA HIS A 68 -4.58 -7.74 47.58
C HIS A 68 -5.16 -7.90 46.17
N ASP A 69 -6.41 -7.49 45.98
CA ASP A 69 -7.04 -7.66 44.69
C ASP A 69 -6.52 -6.69 43.65
N THR A 70 -5.97 -5.55 44.04
CA THR A 70 -5.36 -4.64 43.08
C THR A 70 -4.01 -5.18 42.62
N VAL A 71 -3.16 -5.60 43.57
CA VAL A 71 -1.85 -6.13 43.21
C VAL A 71 -2.01 -7.40 42.39
N ALA A 72 -2.86 -8.33 42.83
CA ALA A 72 -2.98 -9.59 42.11
C ALA A 72 -3.71 -9.38 40.80
N GLY A 73 -4.76 -8.58 40.80
CA GLY A 73 -5.42 -8.25 39.55
C GLY A 73 -4.50 -7.55 38.57
N GLY A 74 -3.46 -6.91 39.07
CA GLY A 74 -2.41 -6.33 38.26
C GLY A 74 -1.22 -7.22 38.10
N ASP A 75 -1.30 -8.49 38.53
CA ASP A 75 -0.32 -9.52 38.20
C ASP A 75 1.08 -9.11 38.67
N TRP A 76 1.11 -8.42 39.80
CA TRP A 76 2.33 -8.11 40.57
C TRP A 76 3.23 -7.07 39.90
N LEU A 77 2.71 -6.31 38.93
CA LEU A 77 3.40 -5.14 38.39
C LEU A 77 2.93 -3.82 39.03
N CYS A 78 2.27 -3.87 40.19
CA CYS A 78 1.83 -2.67 40.90
C CYS A 78 2.92 -2.14 41.82
N GLU A 79 3.00 -0.81 41.93
CA GLU A 79 3.82 -0.15 42.96
C GLU A 79 3.09 -0.29 44.28
N GLN A 80 3.55 -1.17 45.15
CA GLN A 80 2.71 -1.50 46.30
C GLN A 80 2.55 -0.32 47.26
N ASP A 81 3.58 0.51 47.45
CA ASP A 81 3.39 1.65 48.35
C ASP A 81 2.32 2.59 47.82
N VAL A 82 2.30 2.81 46.50
CA VAL A 82 1.23 3.58 45.85
C VAL A 82 -0.12 2.92 46.09
N VAL A 83 -0.18 1.59 45.94
CA VAL A 83 -1.41 0.85 46.21
C VAL A 83 -1.86 1.06 47.63
N ASP A 84 -0.94 1.00 48.59
CA ASP A 84 -1.31 1.18 49.99
C ASP A 84 -1.88 2.58 50.22
N TYR A 85 -1.19 3.60 49.73
CA TYR A 85 -1.77 4.94 49.71
C TYR A 85 -3.16 4.91 49.10
N PHE A 86 -3.29 4.36 47.90
CA PHE A 86 -4.55 4.48 47.19
C PHE A 86 -5.69 3.89 48.01
N VAL A 87 -5.57 2.62 48.36
CA VAL A 87 -6.61 1.91 49.11
C VAL A 87 -7.04 2.70 50.34
N HIS A 88 -6.07 3.29 51.05
CA HIS A 88 -6.39 3.97 52.29
C HIS A 88 -7.03 5.34 52.07
N HIS A 89 -6.78 6.00 50.94
CA HIS A 89 -7.44 7.28 50.70
C HIS A 89 -8.71 7.16 49.88
N CYS A 90 -9.10 5.95 49.49
CA CYS A 90 -10.39 5.78 48.81
C CYS A 90 -11.58 6.22 49.64
N PRO A 91 -11.74 5.79 50.90
CA PRO A 91 -12.93 6.22 51.66
C PRO A 91 -13.03 7.72 51.82
N THR A 92 -11.90 8.39 52.11
CA THR A 92 -11.94 9.84 52.23
C THR A 92 -12.50 10.48 50.96
N GLU A 93 -11.97 10.08 49.79
CA GLU A 93 -12.41 10.74 48.56
C GLU A 93 -13.85 10.40 48.19
N MET A 94 -14.34 9.20 48.53
CA MET A 94 -15.77 8.91 48.34
C MET A 94 -16.62 9.79 49.23
N THR A 95 -16.21 9.95 50.50
CA THR A 95 -16.96 10.82 51.39
C THR A 95 -17.00 12.24 50.84
N GLN A 96 -15.84 12.73 50.44
CA GLN A 96 -15.74 14.13 50.06
C GLN A 96 -16.61 14.42 48.86
N LEU A 97 -16.79 13.42 48.00
CA LEU A 97 -17.61 13.54 46.81
C LEU A 97 -19.09 13.61 47.16
N GLU A 98 -19.54 12.78 48.10
CA GLU A 98 -20.94 12.80 48.52
C GLU A 98 -21.28 14.12 49.21
N LEU A 99 -20.37 14.63 50.04
CA LEU A 99 -20.61 15.92 50.67
C LEU A 99 -20.81 16.98 49.61
N TRP A 100 -19.97 16.95 48.56
CA TRP A 100 -20.01 17.95 47.51
C TRP A 100 -21.31 17.92 46.71
N GLY A 101 -22.13 16.88 46.87
CA GLY A 101 -23.45 16.93 46.28
C GLY A 101 -23.79 15.66 45.53
N CYS A 102 -22.82 14.79 45.34
CA CYS A 102 -23.00 13.56 44.55
C CYS A 102 -23.98 12.63 45.24
N PRO A 103 -25.09 12.25 44.61
CA PRO A 103 -26.10 11.44 45.33
C PRO A 103 -25.65 10.00 45.51
N TRP A 104 -25.86 9.47 46.72
CA TRP A 104 -25.42 8.10 47.03
C TRP A 104 -26.57 7.13 47.27
N LYS A 131 -25.00 5.54 36.15
CA LYS A 131 -24.04 6.42 35.50
C LYS A 131 -23.17 7.20 36.50
N THR A 132 -22.11 6.55 37.00
CA THR A 132 -21.31 7.12 38.08
C THR A 132 -20.26 8.12 37.59
N GLY A 133 -19.81 8.02 36.35
CA GLY A 133 -18.81 8.98 35.89
C GLY A 133 -19.39 10.34 35.61
N PHE A 134 -20.65 10.39 35.16
CA PHE A 134 -21.31 11.68 35.00
C PHE A 134 -21.54 12.33 36.34
N HIS A 135 -22.15 11.59 37.28
CA HIS A 135 -22.37 12.12 38.61
C HIS A 135 -21.08 12.63 39.23
N MET A 136 -19.99 11.89 39.06
CA MET A 136 -18.70 12.37 39.54
C MET A 136 -18.30 13.66 38.85
N LEU A 137 -18.23 13.64 37.53
CA LEU A 137 -17.73 14.80 36.81
C LEU A 137 -18.59 16.02 37.07
N HIS A 138 -19.92 15.84 37.07
CA HIS A 138 -20.83 16.96 37.34
C HIS A 138 -20.56 17.58 38.70
N THR A 139 -20.30 16.75 39.71
CA THR A 139 -20.05 17.25 41.05
C THR A 139 -18.72 18.00 41.13
N LEU A 140 -17.67 17.38 40.61
CA LEU A 140 -16.39 18.07 40.47
C LEU A 140 -16.54 19.38 39.71
N PHE A 141 -17.32 19.38 38.63
CA PHE A 141 -17.46 20.58 37.83
C PHE A 141 -18.23 21.67 38.57
N GLN A 142 -19.34 21.30 39.23
CA GLN A 142 -20.08 22.27 40.01
C GLN A 142 -19.25 22.78 41.20
N THR A 143 -18.50 21.87 41.85
CA THR A 143 -17.65 22.31 42.95
C THR A 143 -16.57 23.26 42.45
N SER A 144 -16.04 23.04 41.24
CA SER A 144 -14.99 23.94 40.74
C SER A 144 -15.50 25.36 40.52
N LEU A 145 -16.78 25.52 40.20
CA LEU A 145 -17.37 26.84 40.04
C LEU A 145 -17.34 27.71 41.31
N GLN A 146 -17.29 27.12 42.49
CA GLN A 146 -17.20 27.92 43.70
C GLN A 146 -15.81 28.51 43.93
N PHE A 147 -14.82 28.19 43.10
CA PHE A 147 -13.48 28.62 43.43
C PHE A 147 -13.04 29.67 42.43
N PRO A 148 -12.89 30.94 42.81
CA PRO A 148 -12.39 31.93 41.85
C PRO A 148 -10.92 31.74 41.53
N GLN A 149 -10.21 30.93 42.33
CA GLN A 149 -8.83 30.57 42.00
C GLN A 149 -8.72 29.79 40.68
N ILE A 150 -9.80 29.19 40.20
CA ILE A 150 -9.74 28.25 39.08
C ILE A 150 -10.26 28.97 37.84
N GLN A 151 -9.33 29.33 36.95
CA GLN A 151 -9.64 29.99 35.69
C GLN A 151 -9.66 28.90 34.61
N ARG A 152 -10.84 28.64 34.06
CA ARG A 152 -10.98 27.61 33.06
C ARG A 152 -10.55 28.16 31.71
N PHE A 153 -9.93 27.32 30.88
CA PHE A 153 -9.60 27.71 29.51
C PHE A 153 -10.32 26.74 28.60
N ASP A 154 -11.62 26.93 28.46
CA ASP A 154 -12.42 26.02 27.67
C ASP A 154 -12.06 26.12 26.18
N GLU A 155 -12.17 24.98 25.49
CA GLU A 155 -11.89 24.92 24.07
C GLU A 155 -10.53 25.53 23.75
N HIS A 156 -9.52 25.12 24.51
CA HIS A 156 -8.11 25.44 24.26
C HIS A 156 -7.32 24.17 24.06
N PHE A 157 -6.54 24.12 22.98
CA PHE A 157 -5.69 22.97 22.65
C PHE A 157 -4.27 23.25 23.09
N VAL A 158 -3.73 22.41 23.96
CA VAL A 158 -2.36 22.59 24.41
C VAL A 158 -1.43 21.86 23.46
N LEU A 159 -0.44 22.60 22.94
CA LEU A 159 0.48 22.09 21.93
C LEU A 159 1.83 21.66 22.49
N ASP A 160 2.29 22.30 23.56
CA ASP A 160 3.60 21.94 24.11
C ASP A 160 3.71 22.49 25.52
N ILE A 161 4.65 21.94 26.27
CA ILE A 161 5.04 22.46 27.58
C ILE A 161 6.42 23.10 27.44
N LEU A 162 6.71 24.04 28.34
CA LEU A 162 7.96 24.79 28.32
C LEU A 162 8.83 24.33 29.47
N VAL A 163 10.00 23.81 29.15
CA VAL A 163 10.89 23.18 30.10
C VAL A 163 12.27 23.77 29.88
N ASP A 164 12.89 24.27 30.96
CA ASP A 164 14.30 24.61 30.91
C ASP A 164 14.96 24.31 32.24
N ASP A 165 16.19 23.78 32.16
CA ASP A 165 16.91 23.33 33.35
C ASP A 165 16.05 22.34 34.14
N GLY A 166 15.57 21.31 33.44
CA GLY A 166 14.90 20.21 34.10
C GLY A 166 13.74 20.61 34.99
N HIS A 167 12.95 21.58 34.56
CA HIS A 167 11.85 22.06 35.37
C HIS A 167 10.82 22.68 34.44
N VAL A 168 9.55 22.32 34.61
CA VAL A 168 8.54 22.85 33.70
C VAL A 168 8.28 24.29 34.09
N ARG A 169 7.98 25.11 33.08
CA ARG A 169 7.78 26.53 33.31
C ARG A 169 6.52 27.06 32.67
N GLY A 170 5.71 26.21 32.06
CA GLY A 170 4.42 26.60 31.54
C GLY A 170 4.16 25.87 30.26
N LEU A 171 3.16 26.35 29.52
CA LEU A 171 2.83 25.73 28.25
C LEU A 171 2.39 26.82 27.29
N VAL A 172 2.00 26.39 26.10
CA VAL A 172 1.46 27.25 25.06
C VAL A 172 0.28 26.52 24.49
N ALA A 173 -0.87 27.20 24.43
CA ALA A 173 -2.09 26.57 23.94
C ALA A 173 -2.65 27.38 22.79
N MET A 174 -3.51 26.76 22.03
CA MET A 174 -4.27 27.44 21.00
C MET A 174 -5.69 27.62 21.50
N ASN A 175 -6.23 28.82 21.32
CA ASN A 175 -7.63 29.10 21.61
C ASN A 175 -8.42 28.71 20.37
N MET A 176 -9.15 27.58 20.43
CA MET A 176 -9.94 27.14 19.29
C MET A 176 -10.91 28.23 18.83
N MET A 177 -11.79 28.68 19.74
CA MET A 177 -12.94 29.50 19.39
C MET A 177 -12.54 30.88 18.88
N GLU A 178 -11.24 31.15 18.72
CA GLU A 178 -10.80 32.45 18.23
C GLU A 178 -9.63 32.40 17.26
N GLY A 179 -8.71 31.45 17.37
CA GLY A 179 -7.59 31.35 16.46
C GLY A 179 -6.26 31.71 17.07
N THR A 180 -6.25 32.34 18.24
CA THR A 180 -5.05 32.90 18.85
C THR A 180 -4.29 31.84 19.67
N LEU A 181 -3.07 32.20 20.05
CA LEU A 181 -2.23 31.33 20.87
C LEU A 181 -1.95 32.03 22.18
N VAL A 182 -1.97 31.26 23.27
CA VAL A 182 -1.77 31.83 24.60
C VAL A 182 -0.55 31.18 25.24
N GLN A 183 0.35 32.01 25.73
CA GLN A 183 1.35 31.56 26.68
C GLN A 183 0.68 31.48 28.04
N ILE A 184 0.94 30.40 28.77
CA ILE A 184 0.47 30.26 30.13
C ILE A 184 1.67 29.85 30.96
N ARG A 185 2.11 30.72 31.84
CA ARG A 185 3.29 30.43 32.64
C ARG A 185 2.89 29.97 34.02
N ALA A 186 3.32 28.75 34.36
CA ALA A 186 3.19 28.23 35.70
C ALA A 186 4.43 27.45 36.07
N ASN A 187 4.60 27.24 37.36
CA ASN A 187 5.76 26.56 37.86
C ASN A 187 5.45 25.12 38.23
N ALA A 188 4.18 24.73 38.14
CA ALA A 188 3.82 23.33 38.10
C ALA A 188 2.76 23.15 37.03
N VAL A 189 2.85 22.05 36.29
CA VAL A 189 1.91 21.69 35.24
C VAL A 189 1.48 20.23 35.45
N VAL A 190 0.18 20.00 35.55
CA VAL A 190 -0.38 18.69 35.83
C VAL A 190 -1.01 18.17 34.55
N MET A 191 -0.44 17.11 33.99
CA MET A 191 -1.04 16.48 32.83
C MET A 191 -2.18 15.56 33.28
N ALA A 192 -3.35 15.76 32.71
CA ALA A 192 -4.54 15.00 33.03
C ALA A 192 -5.34 14.75 31.76
N THR A 193 -4.67 14.26 30.73
CA THR A 193 -5.21 14.29 29.37
C THR A 193 -5.96 13.03 28.99
N GLY A 194 -6.01 12.02 29.86
CA GLY A 194 -6.80 10.84 29.54
C GLY A 194 -5.99 9.78 28.83
N GLY A 195 -6.67 8.71 28.45
CA GLY A 195 -6.02 7.56 27.87
C GLY A 195 -5.54 7.74 26.43
N ALA A 196 -4.89 6.69 25.93
CA ALA A 196 -4.37 6.71 24.57
C ALA A 196 -5.16 5.75 23.68
N GLY A 197 -6.48 5.77 23.82
CA GLY A 197 -7.34 4.79 23.21
C GLY A 197 -7.44 4.89 21.70
N ARG A 198 -7.84 6.05 21.16
CA ARG A 198 -8.24 6.18 19.76
C ARG A 198 -7.08 5.87 18.81
N VAL A 199 -6.02 5.27 19.37
CA VAL A 199 -4.90 4.68 18.64
C VAL A 199 -5.20 3.30 18.06
N TYR A 200 -6.17 2.57 18.59
CA TYR A 200 -6.74 1.41 17.91
C TYR A 200 -7.87 1.85 17.00
N ARG A 201 -8.01 1.16 15.87
CA ARG A 201 -9.04 1.57 14.91
C ARG A 201 -10.44 1.34 15.47
N TYR A 202 -10.61 0.30 16.29
CA TYR A 202 -11.88 0.02 16.94
C TYR A 202 -11.67 0.21 18.44
N ASN A 203 -12.57 0.96 19.08
CA ASN A 203 -12.21 1.70 20.29
C ASN A 203 -13.48 2.11 21.02
N THR A 204 -13.39 2.17 22.34
CA THR A 204 -14.55 2.58 23.12
C THR A 204 -14.53 4.06 23.50
N ASN A 205 -13.42 4.75 23.26
CA ASN A 205 -13.22 6.11 23.74
C ASN A 205 -13.77 7.12 22.74
N GLY A 206 -14.16 8.28 23.25
CA GLY A 206 -14.43 9.40 22.37
C GLY A 206 -13.21 9.74 21.54
N GLY A 207 -13.44 10.24 20.32
CA GLY A 207 -12.36 10.67 19.45
C GLY A 207 -11.43 11.67 20.09
N ILE A 208 -11.88 12.29 21.19
CA ILE A 208 -11.06 13.17 22.03
C ILE A 208 -9.77 12.48 22.47
N VAL A 209 -9.86 11.21 22.86
CA VAL A 209 -8.87 10.61 23.74
C VAL A 209 -7.65 10.15 22.95
N THR A 210 -6.82 11.09 22.54
CA THR A 210 -5.83 10.82 21.51
C THR A 210 -4.40 10.69 22.02
N GLY A 211 -4.18 10.71 23.33
CA GLY A 211 -2.85 10.61 23.90
C GLY A 211 -2.03 11.88 23.98
N ASP A 212 -2.66 13.06 23.80
CA ASP A 212 -1.89 14.30 23.65
C ASP A 212 -0.89 14.50 24.78
N GLY A 213 -1.31 14.27 26.02
CA GLY A 213 -0.42 14.44 27.15
C GLY A 213 0.72 13.44 27.20
N MET A 214 0.46 12.18 26.85
CA MET A 214 1.57 11.24 26.79
C MET A 214 2.54 11.67 25.71
N GLY A 215 2.01 12.13 24.58
CA GLY A 215 2.86 12.67 23.53
C GLY A 215 3.76 13.78 24.04
N MET A 216 3.17 14.78 24.69
CA MET A 216 3.96 15.91 25.14
C MET A 216 5.03 15.48 26.14
N ALA A 217 4.73 14.56 27.04
CA ALA A 217 5.79 14.07 27.92
C ALA A 217 6.94 13.46 27.11
N LEU A 218 6.63 12.73 26.03
CA LEU A 218 7.71 12.09 25.28
C LEU A 218 8.60 13.12 24.61
N SER A 219 7.99 14.10 23.93
CA SER A 219 8.72 15.21 23.32
C SER A 219 9.80 15.78 24.24
N HIS A 220 9.64 15.63 25.55
CA HIS A 220 10.57 16.23 26.50
C HIS A 220 11.32 15.18 27.30
N GLY A 221 11.32 13.95 26.81
CA GLY A 221 12.21 12.94 27.35
C GLY A 221 11.69 12.26 28.58
N VAL A 222 10.43 12.47 28.92
CA VAL A 222 9.77 11.68 29.97
C VAL A 222 9.31 10.35 29.38
N PRO A 223 9.67 9.23 29.97
CA PRO A 223 9.24 7.96 29.41
C PRO A 223 7.78 7.69 29.72
N LEU A 224 7.17 6.96 28.79
CA LEU A 224 5.90 6.28 29.03
C LEU A 224 6.19 4.91 29.63
N ARG A 225 5.43 4.55 30.65
CA ARG A 225 5.67 3.33 31.41
C ARG A 225 4.56 2.33 31.18
N ASP A 226 4.97 1.06 31.01
CA ASP A 226 4.05 -0.09 30.98
C ASP A 226 3.01 0.06 29.88
N MET A 227 3.37 0.76 28.81
CA MET A 227 2.41 1.00 27.74
C MET A 227 1.95 -0.27 27.05
N GLU A 228 2.66 -1.39 27.24
CA GLU A 228 2.26 -2.61 26.54
C GLU A 228 0.97 -3.20 27.10
N PHE A 229 0.47 -2.69 28.20
CA PHE A 229 -0.65 -3.32 28.90
C PHE A 229 -1.92 -2.56 28.58
N VAL A 230 -2.54 -2.89 27.47
CA VAL A 230 -3.82 -2.30 27.09
C VAL A 230 -4.94 -3.30 27.35
N GLN A 231 -6.05 -2.84 27.90
CA GLN A 231 -7.13 -3.69 28.35
C GLN A 231 -8.35 -3.52 27.48
N TYR A 232 -8.90 -4.65 27.04
CA TYR A 232 -10.04 -4.76 26.14
C TYR A 232 -11.34 -4.97 26.91
N HIS A 233 -12.41 -4.40 26.37
CA HIS A 233 -13.67 -4.81 26.94
C HIS A 233 -14.33 -5.85 26.05
N PRO A 234 -14.88 -6.93 26.60
CA PRO A 234 -15.24 -8.08 25.73
C PRO A 234 -16.43 -7.86 24.80
N THR A 235 -17.42 -7.04 25.15
CA THR A 235 -18.56 -6.85 24.26
C THR A 235 -18.61 -5.41 23.75
N GLY A 236 -18.00 -5.15 22.61
CA GLY A 236 -18.10 -3.88 21.94
C GLY A 236 -18.64 -4.06 20.55
N LEU A 237 -19.35 -3.05 20.07
CA LEU A 237 -20.00 -3.12 18.76
C LEU A 237 -18.97 -3.04 17.64
N PRO A 238 -19.12 -3.84 16.58
CA PRO A 238 -18.18 -3.79 15.47
C PRO A 238 -18.31 -2.49 14.71
N GLY A 239 -17.22 -2.07 14.11
CA GLY A 239 -17.22 -0.80 13.42
C GLY A 239 -17.13 0.39 14.35
N SER A 240 -18.10 0.54 15.25
CA SER A 240 -18.11 1.67 16.18
C SER A 240 -17.10 1.49 17.30
N GLY A 241 -17.18 0.38 18.04
CA GLY A 241 -16.50 0.23 19.29
C GLY A 241 -17.33 0.61 20.50
N ILE A 242 -18.48 1.24 20.28
CA ILE A 242 -19.52 1.44 21.28
C ILE A 242 -19.64 0.20 22.13
N LEU A 243 -19.72 0.39 23.44
CA LEU A 243 -19.46 -0.65 24.41
C LEU A 243 -20.78 -1.18 24.95
N MET A 244 -21.01 -2.48 24.81
CA MET A 244 -22.18 -3.13 25.39
C MET A 244 -21.88 -3.47 26.83
N THR A 245 -22.73 -3.00 27.75
CA THR A 245 -22.48 -3.13 29.18
C THR A 245 -22.51 -4.59 29.61
N GLU A 246 -21.78 -4.87 30.70
CA GLU A 246 -21.85 -6.17 31.34
C GLU A 246 -23.27 -6.50 31.79
N GLY A 247 -24.05 -5.49 32.18
CA GLY A 247 -25.43 -5.73 32.57
C GLY A 247 -26.21 -6.56 31.56
N CYS A 248 -25.82 -6.47 30.27
CA CYS A 248 -26.41 -7.35 29.29
C CYS A 248 -26.28 -8.81 29.70
N ARG A 249 -25.16 -9.16 30.27
CA ARG A 249 -24.95 -10.54 30.65
C ARG A 249 -25.32 -10.77 32.09
N GLY A 250 -25.27 -9.73 32.91
CA GLY A 250 -25.80 -9.87 34.24
C GLY A 250 -27.28 -10.23 34.21
N GLU A 251 -28.01 -9.68 33.24
CA GLU A 251 -29.43 -9.98 33.14
C GLU A 251 -29.71 -11.15 32.21
N GLY A 252 -28.71 -11.97 31.90
CA GLY A 252 -28.93 -13.27 31.30
C GLY A 252 -28.75 -13.41 29.81
N GLY A 253 -28.03 -12.49 29.15
CA GLY A 253 -27.74 -12.65 27.75
C GLY A 253 -26.52 -13.55 27.54
N ILE A 254 -26.54 -14.29 26.44
CA ILE A 254 -25.55 -15.32 26.21
C ILE A 254 -24.69 -14.92 25.03
N LEU A 255 -23.47 -15.48 24.98
CA LEU A 255 -22.55 -15.29 23.88
C LEU A 255 -22.41 -16.60 23.12
N VAL A 256 -22.75 -16.59 21.82
CA VAL A 256 -22.68 -17.76 20.96
C VAL A 256 -21.82 -17.49 19.74
N ASN A 257 -21.34 -18.56 19.10
CA ASN A 257 -20.61 -18.39 17.86
C ASN A 257 -21.55 -18.57 16.66
N LYS A 258 -20.98 -18.81 15.48
CA LYS A 258 -21.80 -18.95 14.27
C LYS A 258 -22.82 -20.08 14.41
N ASN A 259 -22.50 -21.08 15.23
CA ASN A 259 -23.36 -22.26 15.40
C ASN A 259 -24.37 -22.09 16.52
N GLY A 260 -24.48 -20.90 17.13
CA GLY A 260 -25.33 -20.78 18.30
C GLY A 260 -24.85 -21.56 19.50
N TYR A 261 -23.57 -21.88 19.56
CA TYR A 261 -23.00 -22.57 20.71
C TYR A 261 -22.53 -21.55 21.76
N ARG A 262 -22.89 -21.77 23.02
CA ARG A 262 -22.39 -20.95 24.11
C ARG A 262 -20.98 -21.42 24.39
N TYR A 263 -20.05 -20.97 23.55
CA TYR A 263 -18.68 -21.49 23.53
C TYR A 263 -17.88 -21.19 24.79
N LEU A 264 -18.37 -20.36 25.70
CA LEU A 264 -17.56 -20.06 26.86
C LEU A 264 -17.30 -21.30 27.71
N GLN A 265 -18.19 -22.29 27.63
CA GLN A 265 -18.02 -23.53 28.38
C GLN A 265 -16.82 -24.33 27.91
N ASP A 266 -16.29 -24.06 26.73
CA ASP A 266 -15.13 -24.81 26.25
C ASP A 266 -13.81 -24.25 26.73
N TYR A 267 -13.81 -23.18 27.54
CA TYR A 267 -12.55 -22.51 27.85
C TYR A 267 -12.41 -22.30 29.35
N GLY A 268 -12.68 -23.36 30.11
CA GLY A 268 -12.42 -23.36 31.52
C GLY A 268 -13.42 -22.59 32.34
N MET A 269 -14.47 -22.09 31.72
CA MET A 269 -15.43 -21.21 32.40
C MET A 269 -16.63 -21.99 32.91
N GLY A 270 -16.36 -23.08 33.65
CA GLY A 270 -17.36 -23.84 34.37
C GLY A 270 -18.43 -24.40 33.46
N PRO A 271 -19.31 -25.24 34.01
CA PRO A 271 -20.36 -25.84 33.19
C PRO A 271 -21.33 -24.79 32.68
N GLU A 272 -21.98 -25.11 31.56
CA GLU A 272 -23.02 -24.21 31.07
C GLU A 272 -24.16 -24.11 32.08
N THR A 273 -24.47 -22.87 32.46
CA THR A 273 -25.53 -22.50 33.39
C THR A 273 -26.84 -22.36 32.64
N PRO A 274 -27.99 -22.57 33.30
CA PRO A 274 -29.24 -22.60 32.55
C PRO A 274 -29.55 -21.24 31.92
N LEU A 275 -30.29 -21.30 30.83
CA LEU A 275 -30.84 -20.10 30.22
C LEU A 275 -31.68 -19.32 31.22
N GLY A 276 -31.24 -18.09 31.52
CA GLY A 276 -31.96 -17.25 32.45
C GLY A 276 -31.49 -17.32 33.89
N GLU A 277 -30.56 -18.21 34.23
CA GLU A 277 -30.01 -18.27 35.57
C GLU A 277 -28.49 -18.19 35.52
N PRO A 278 -27.93 -17.03 35.17
CA PRO A 278 -26.47 -16.89 35.22
C PRO A 278 -25.95 -16.90 36.64
N LYS A 279 -24.70 -17.31 36.78
CA LYS A 279 -23.97 -17.26 38.05
C LYS A 279 -22.65 -16.51 37.83
N ASN A 280 -22.35 -15.56 38.72
CA ASN A 280 -21.15 -14.75 38.53
C ASN A 280 -19.90 -15.63 38.58
N LYS A 281 -18.93 -15.30 37.71
CA LYS A 281 -17.66 -15.99 37.43
C LYS A 281 -17.83 -17.17 36.48
N TYR A 282 -19.05 -17.53 36.09
CA TYR A 282 -19.29 -18.67 35.22
C TYR A 282 -19.85 -18.22 33.86
N MET A 283 -19.29 -18.77 32.77
CA MET A 283 -19.85 -18.57 31.41
C MET A 283 -19.84 -17.07 31.12
N GLU A 284 -20.96 -16.46 30.72
CA GLU A 284 -20.93 -15.07 30.29
C GLU A 284 -20.53 -14.13 31.41
N LEU A 285 -20.64 -14.53 32.67
CA LEU A 285 -20.14 -13.67 33.73
C LEU A 285 -18.73 -14.06 34.17
N GLY A 286 -18.00 -14.74 33.30
CA GLY A 286 -16.68 -15.22 33.62
C GLY A 286 -15.66 -14.11 33.65
N PRO A 287 -14.45 -14.43 34.10
CA PRO A 287 -13.40 -13.40 34.21
C PRO A 287 -13.23 -12.69 32.88
N ARG A 288 -13.23 -11.36 32.96
CA ARG A 288 -13.33 -10.55 31.75
C ARG A 288 -12.19 -10.86 30.79
N ASP A 289 -11.00 -11.17 31.30
CA ASP A 289 -9.89 -11.46 30.38
C ASP A 289 -10.07 -12.78 29.67
N LYS A 290 -10.62 -13.79 30.35
CA LYS A 290 -10.80 -15.08 29.70
C LYS A 290 -11.89 -15.02 28.63
N VAL A 291 -12.84 -14.08 28.75
CA VAL A 291 -13.92 -13.99 27.78
C VAL A 291 -13.44 -13.32 26.48
N SER A 292 -12.54 -12.35 26.60
CA SER A 292 -11.85 -11.86 25.42
C SER A 292 -11.02 -12.95 24.77
N GLN A 293 -10.18 -13.63 25.56
CA GLN A 293 -9.34 -14.66 24.96
C GLN A 293 -10.19 -15.69 24.26
N ALA A 294 -11.35 -16.03 24.85
CA ALA A 294 -12.24 -16.99 24.22
C ALA A 294 -12.66 -16.51 22.85
N PHE A 295 -13.04 -15.24 22.73
CA PHE A 295 -13.33 -14.70 21.40
C PHE A 295 -12.22 -15.02 20.42
N TRP A 296 -10.97 -14.75 20.80
CA TRP A 296 -9.85 -14.94 19.88
C TRP A 296 -9.75 -16.41 19.43
N HIS A 297 -9.74 -17.33 20.40
CA HIS A 297 -9.73 -18.75 20.07
C HIS A 297 -10.86 -19.10 19.12
N GLU A 298 -12.06 -18.58 19.38
CA GLU A 298 -13.16 -18.87 18.46
C GLU A 298 -12.86 -18.31 17.09
N TRP A 299 -12.09 -17.22 17.03
CA TRP A 299 -11.71 -16.67 15.75
C TRP A 299 -10.78 -17.64 15.01
N ARG A 300 -9.67 -18.01 15.64
CA ARG A 300 -8.74 -18.96 15.06
C ARG A 300 -9.39 -20.31 14.70
N LYS A 301 -10.48 -20.70 15.34
CA LYS A 301 -11.13 -21.99 15.07
C LYS A 301 -12.00 -21.96 13.83
N GLY A 302 -12.14 -20.81 13.18
CA GLY A 302 -13.13 -20.62 12.14
C GLY A 302 -14.54 -20.33 12.62
N ASN A 303 -14.74 -20.04 13.92
CA ASN A 303 -16.07 -20.03 14.54
C ASN A 303 -16.71 -18.65 14.64
N THR A 304 -16.04 -17.60 14.17
CA THR A 304 -16.60 -16.25 14.19
C THR A 304 -17.61 -16.09 13.07
N ILE A 305 -18.19 -14.90 12.97
CA ILE A 305 -18.99 -14.50 11.81
C ILE A 305 -18.25 -13.35 11.14
N SER A 306 -17.92 -13.52 9.86
CA SER A 306 -17.33 -12.42 9.12
C SER A 306 -18.41 -11.37 8.85
N THR A 307 -18.12 -10.13 9.18
CA THR A 307 -19.09 -9.07 9.04
C THR A 307 -18.39 -7.91 8.35
N PRO A 308 -19.14 -6.97 7.78
CA PRO A 308 -18.53 -5.68 7.39
C PRO A 308 -17.92 -4.99 8.60
N ARG A 309 -16.63 -4.66 8.48
CA ARG A 309 -15.85 -4.01 9.53
C ARG A 309 -15.71 -4.88 10.78
N GLY A 310 -15.38 -6.15 10.58
CA GLY A 310 -14.87 -6.94 11.69
C GLY A 310 -15.23 -8.41 11.59
N ASP A 311 -14.82 -9.15 12.62
CA ASP A 311 -15.27 -10.50 12.92
C ASP A 311 -15.96 -10.48 14.28
N VAL A 312 -17.16 -11.06 14.37
CA VAL A 312 -17.98 -10.90 15.57
C VAL A 312 -18.53 -12.25 16.04
N VAL A 313 -18.90 -12.27 17.32
CA VAL A 313 -19.80 -13.29 17.85
C VAL A 313 -21.14 -12.61 18.07
N TYR A 314 -22.04 -13.25 18.81
CA TYR A 314 -23.35 -12.68 19.07
C TYR A 314 -23.61 -12.66 20.56
N LEU A 315 -23.90 -11.46 21.07
CA LEU A 315 -24.54 -11.28 22.37
C LEU A 315 -26.04 -11.42 22.11
N ASP A 316 -26.62 -12.53 22.54
CA ASP A 316 -28.01 -12.84 22.24
C ASP A 316 -28.86 -12.47 23.44
N LEU A 317 -29.87 -11.62 23.23
CA LEU A 317 -30.80 -11.22 24.28
C LEU A 317 -32.25 -11.58 23.94
N ARG A 318 -32.46 -12.39 22.90
CA ARG A 318 -33.82 -12.66 22.46
C ARG A 318 -34.65 -13.31 23.56
N HIS A 319 -34.05 -14.19 24.35
CA HIS A 319 -34.80 -14.97 25.32
C HIS A 319 -35.24 -14.15 26.53
N LEU A 320 -34.75 -12.93 26.70
CA LEU A 320 -35.24 -12.10 27.80
C LEU A 320 -36.69 -11.73 27.60
N GLY A 321 -36.99 -11.05 26.50
CA GLY A 321 -38.28 -10.46 26.24
C GLY A 321 -38.25 -8.95 26.42
N GLU A 322 -39.07 -8.24 25.64
CA GLU A 322 -39.04 -6.79 25.68
C GLU A 322 -39.45 -6.27 27.05
N LYS A 323 -40.30 -7.00 27.78
CA LYS A 323 -40.68 -6.57 29.12
C LYS A 323 -39.48 -6.53 30.04
N LYS A 324 -38.66 -7.59 30.01
CA LYS A 324 -37.41 -7.56 30.76
C LYS A 324 -36.47 -6.52 30.18
N LEU A 325 -36.33 -6.54 28.84
CA LEU A 325 -35.44 -5.62 28.13
C LEU A 325 -35.83 -4.15 28.35
N HIS A 326 -37.13 -3.87 28.54
CA HIS A 326 -37.53 -2.48 28.76
C HIS A 326 -37.28 -2.03 30.19
N GLU A 327 -37.50 -2.91 31.18
CA GLU A 327 -37.29 -2.51 32.57
C GLU A 327 -35.80 -2.35 32.86
N ARG A 328 -35.10 -3.45 33.13
CA ARG A 328 -33.66 -3.41 33.12
C ARG A 328 -33.19 -3.36 31.66
N LEU A 329 -32.01 -2.78 31.45
CA LEU A 329 -31.43 -2.63 30.11
C LEU A 329 -32.34 -1.85 29.14
N PRO A 330 -32.92 -0.71 29.55
CA PRO A 330 -33.87 -0.04 28.64
C PRO A 330 -33.17 0.65 27.48
N PHE A 331 -32.01 1.28 27.74
CA PHE A 331 -31.31 2.00 26.69
C PHE A 331 -30.75 1.05 25.64
N ILE A 332 -30.49 -0.21 26.02
CA ILE A 332 -29.72 -1.10 25.17
C ILE A 332 -30.43 -1.40 23.87
N CYS A 333 -31.76 -1.28 23.84
CA CYS A 333 -32.50 -1.58 22.62
C CYS A 333 -32.25 -0.52 21.56
N GLU A 334 -32.57 0.74 21.87
CA GLU A 334 -32.34 1.80 20.90
C GLU A 334 -30.87 1.88 20.54
N LEU A 335 -29.98 1.61 21.50
CA LEU A 335 -28.56 1.56 21.24
C LEU A 335 -28.24 0.62 20.08
N ALA A 336 -28.85 -0.56 20.06
CA ALA A 336 -28.54 -1.53 19.01
C ALA A 336 -29.22 -1.17 17.70
N LYS A 337 -30.49 -0.75 17.76
CA LYS A 337 -31.13 -0.21 16.58
C LYS A 337 -30.29 0.89 15.95
N ALA A 338 -29.64 1.71 16.77
CA ALA A 338 -29.02 2.94 16.25
C ALA A 338 -27.68 2.67 15.58
N TYR A 339 -26.84 1.82 16.17
CA TYR A 339 -25.48 1.68 15.68
C TYR A 339 -25.18 0.36 15.00
N VAL A 340 -25.93 -0.70 15.28
CA VAL A 340 -25.75 -1.93 14.53
C VAL A 340 -27.00 -2.30 13.75
N GLY A 341 -28.02 -1.44 13.74
CA GLY A 341 -29.28 -1.72 13.09
C GLY A 341 -29.80 -3.11 13.42
N VAL A 342 -30.03 -3.34 14.71
CA VAL A 342 -30.60 -4.59 15.21
C VAL A 342 -31.64 -4.23 16.27
N ASP A 343 -32.81 -4.88 16.20
CA ASP A 343 -33.72 -4.91 17.34
C ASP A 343 -33.34 -6.11 18.16
N PRO A 344 -32.78 -5.94 19.36
CA PRO A 344 -32.28 -7.10 20.08
C PRO A 344 -33.39 -8.05 20.51
N VAL A 345 -34.66 -7.66 20.38
CA VAL A 345 -35.74 -8.61 20.69
C VAL A 345 -35.91 -9.60 19.55
N LYS A 346 -35.41 -9.28 18.35
CA LYS A 346 -35.66 -10.09 17.16
C LYS A 346 -34.44 -10.82 16.65
N GLU A 347 -33.23 -10.31 16.86
CA GLU A 347 -32.02 -10.98 16.41
C GLU A 347 -30.93 -10.64 17.44
N PRO A 348 -29.81 -11.36 17.43
CA PRO A 348 -28.74 -11.07 18.40
C PRO A 348 -27.83 -9.92 17.96
N ILE A 349 -27.10 -9.38 18.93
CA ILE A 349 -26.24 -8.23 18.70
C ILE A 349 -24.81 -8.63 18.33
N PRO A 350 -24.26 -8.13 17.23
CA PRO A 350 -22.84 -8.39 16.91
C PRO A 350 -21.95 -7.70 17.93
N VAL A 351 -21.06 -8.46 18.57
CA VAL A 351 -20.07 -7.87 19.47
C VAL A 351 -18.72 -8.51 19.20
N ARG A 352 -17.68 -7.88 19.76
CA ARG A 352 -16.29 -8.33 19.67
C ARG A 352 -15.48 -7.54 20.67
N PRO A 353 -14.40 -8.10 21.21
CA PRO A 353 -13.57 -7.33 22.13
C PRO A 353 -12.98 -6.07 21.47
N THR A 354 -13.15 -4.96 22.17
CA THR A 354 -12.72 -3.62 21.76
C THR A 354 -11.64 -3.13 22.71
N ALA A 355 -10.65 -2.41 22.18
CA ALA A 355 -9.69 -1.74 23.06
C ALA A 355 -10.40 -0.73 23.94
N HIS A 356 -10.00 -0.65 25.22
CA HIS A 356 -10.81 0.06 26.20
C HIS A 356 -10.03 0.97 27.17
N TYR A 357 -9.10 0.41 27.96
CA TYR A 357 -8.37 1.16 28.97
C TYR A 357 -6.87 0.90 28.83
N THR A 358 -6.08 1.96 28.98
CA THR A 358 -4.63 1.91 28.90
C THR A 358 -4.04 1.99 30.32
N MET A 359 -3.49 0.88 30.84
CA MET A 359 -2.86 0.93 32.17
C MET A 359 -1.63 1.83 32.22
N GLY A 360 -0.86 1.85 31.16
CA GLY A 360 0.35 2.64 31.14
C GLY A 360 0.03 4.10 30.95
N GLY A 361 1.10 4.89 30.89
CA GLY A 361 0.98 6.32 30.69
C GLY A 361 2.25 7.00 31.13
N ILE A 362 2.17 8.32 31.31
CA ILE A 362 3.33 9.09 31.75
C ILE A 362 3.83 8.52 33.06
N GLU A 363 5.14 8.33 33.16
CA GLU A 363 5.71 7.78 34.39
C GLU A 363 5.74 8.80 35.50
N THR A 364 5.19 8.45 36.67
CA THR A 364 5.22 9.33 37.84
C THR A 364 5.67 8.57 39.08
N ASP A 365 6.23 9.32 40.04
CA ASP A 365 6.59 8.75 41.33
C ASP A 365 5.35 8.66 42.22
N GLN A 366 5.55 8.38 43.51
CA GLN A 366 4.41 8.25 44.42
C GLN A 366 3.70 9.58 44.67
N ASN A 367 4.25 10.71 44.22
CA ASN A 367 3.55 11.99 44.32
C ASN A 367 2.95 12.43 42.98
N CYS A 368 2.87 11.54 42.00
CA CYS A 368 2.42 11.87 40.66
C CYS A 368 3.37 12.82 39.93
N GLU A 369 4.60 12.98 40.42
CA GLU A 369 5.54 13.89 39.78
C GLU A 369 6.47 13.12 38.84
N THR A 370 6.65 13.68 37.65
CA THR A 370 7.50 13.11 36.62
C THR A 370 8.96 13.45 36.87
N ARG A 371 9.83 12.83 36.06
CA ARG A 371 11.25 13.13 36.08
C ARG A 371 11.50 14.64 36.01
N ILE A 372 10.78 15.34 35.15
CA ILE A 372 10.91 16.80 35.02
C ILE A 372 10.29 17.47 36.24
N LYS A 373 11.10 18.19 37.02
CA LYS A 373 10.62 18.78 38.26
C LYS A 373 9.50 19.78 38.01
N GLY A 374 8.49 19.72 38.87
CA GLY A 374 7.33 20.56 38.72
C GLY A 374 6.25 20.02 37.82
N LEU A 375 6.57 19.06 36.94
CA LEU A 375 5.59 18.54 36.01
C LEU A 375 5.00 17.23 36.53
N PHE A 376 3.67 17.20 36.64
CA PHE A 376 2.95 16.07 37.18
C PHE A 376 2.09 15.42 36.11
N ALA A 377 1.63 14.21 36.44
CA ALA A 377 0.65 13.53 35.61
C ALA A 377 -0.25 12.68 36.51
N VAL A 378 -1.52 12.65 36.17
CA VAL A 378 -2.50 11.97 37.01
C VAL A 378 -3.66 11.51 36.12
N GLY A 379 -4.40 10.49 36.60
CA GLY A 379 -5.55 10.01 35.87
C GLY A 379 -5.06 9.07 34.78
N GLU A 380 -5.91 8.85 33.77
CA GLU A 380 -5.59 7.78 32.83
C GLU A 380 -4.32 8.04 32.04
N CYS A 381 -3.90 9.30 31.91
CA CYS A 381 -2.72 9.58 31.11
C CYS A 381 -1.44 9.18 31.80
N SER A 382 -1.51 8.77 33.05
CA SER A 382 -0.31 8.57 33.83
C SER A 382 -0.08 7.09 34.15
N SER A 383 1.09 6.81 34.68
CA SER A 383 1.38 5.54 35.32
C SER A 383 1.88 5.84 36.74
N VAL A 384 0.97 5.92 37.72
CA VAL A 384 1.40 6.05 39.12
C VAL A 384 1.81 4.72 39.73
N GLY A 385 1.62 3.61 39.03
CA GLY A 385 1.92 2.31 39.60
C GLY A 385 0.77 1.67 40.34
N LEU A 386 -0.45 2.13 40.10
CA LEU A 386 -1.62 1.57 40.79
C LEU A 386 -2.13 0.33 40.07
N HIS A 387 -2.13 0.33 38.75
CA HIS A 387 -2.84 -0.70 38.00
C HIS A 387 -1.98 -1.88 37.57
N GLY A 388 -0.66 -1.79 37.64
CA GLY A 388 0.15 -2.93 37.25
C GLY A 388 -0.11 -3.33 35.81
N ALA A 389 -0.33 -4.63 35.59
CA ALA A 389 -0.62 -5.17 34.28
C ALA A 389 -2.11 -5.33 33.99
N ASN A 390 -3.00 -4.85 34.86
CA ASN A 390 -4.44 -4.97 34.61
C ASN A 390 -5.22 -4.15 35.65
N ARG A 391 -5.92 -3.11 35.20
CA ARG A 391 -6.79 -2.32 36.06
C ARG A 391 -7.87 -3.20 36.64
N LEU A 392 -8.20 -2.94 37.89
CA LEU A 392 -9.11 -3.77 38.65
C LEU A 392 -10.38 -2.97 38.83
N GLY A 393 -11.42 -3.33 38.07
CA GLY A 393 -12.76 -2.83 38.34
C GLY A 393 -12.80 -1.32 38.29
N SER A 394 -13.42 -0.73 39.30
CA SER A 394 -13.62 0.71 39.33
C SER A 394 -12.49 1.46 40.02
N ASN A 395 -11.30 0.85 40.12
CA ASN A 395 -10.14 1.61 40.56
C ASN A 395 -9.80 2.74 39.59
N SER A 396 -10.34 2.68 38.37
CA SER A 396 -10.06 3.70 37.38
C SER A 396 -10.71 5.04 37.75
N LEU A 397 -12.00 5.01 38.11
CA LEU A 397 -12.68 6.22 38.55
C LEU A 397 -12.13 6.74 39.88
N ALA A 398 -11.86 5.86 40.84
CA ALA A 398 -11.36 6.34 42.13
C ALA A 398 -9.94 6.87 42.04
N GLU A 399 -9.12 6.37 41.11
CA GLU A 399 -7.80 6.96 40.92
C GLU A 399 -7.93 8.44 40.59
N LEU A 400 -8.98 8.81 39.85
CA LEU A 400 -9.14 10.21 39.46
C LEU A 400 -9.20 11.12 40.68
N VAL A 401 -9.97 10.75 41.71
CA VAL A 401 -10.14 11.68 42.81
C VAL A 401 -9.10 11.46 43.89
N VAL A 402 -8.61 10.23 44.08
CA VAL A 402 -7.56 10.04 45.08
C VAL A 402 -6.30 10.77 44.64
N PHE A 403 -5.86 10.49 43.42
CA PHE A 403 -4.61 11.01 42.91
C PHE A 403 -4.74 12.37 42.26
N GLY A 404 -5.89 12.72 41.71
CA GLY A 404 -6.15 14.11 41.44
C GLY A 404 -5.95 15.00 42.67
N ARG A 405 -6.45 14.57 43.82
CA ARG A 405 -6.19 15.35 45.03
C ARG A 405 -4.71 15.42 45.31
N LEU A 406 -4.04 14.28 45.27
CA LEU A 406 -2.62 14.25 45.63
C LEU A 406 -1.81 15.09 44.65
N ALA A 407 -2.04 14.89 43.35
CA ALA A 407 -1.30 15.65 42.35
C ALA A 407 -1.53 17.15 42.52
N GLY A 408 -2.77 17.55 42.75
CA GLY A 408 -3.08 18.93 43.05
C GLY A 408 -2.31 19.47 44.24
N GLU A 409 -2.41 18.79 45.39
CA GLU A 409 -1.66 19.24 46.55
C GLU A 409 -0.18 19.29 46.26
N GLN A 410 0.36 18.22 45.70
CA GLN A 410 1.80 18.15 45.51
C GLN A 410 2.28 19.23 44.55
N ALA A 411 1.50 19.52 43.53
CA ALA A 411 1.94 20.51 42.57
C ALA A 411 1.89 21.92 43.16
N THR A 412 0.90 22.18 44.01
CA THR A 412 0.85 23.46 44.74
C THR A 412 2.13 23.67 45.54
N GLU A 413 2.44 22.69 46.40
CA GLU A 413 3.71 22.61 47.11
C GLU A 413 4.88 22.99 46.22
N ARG A 414 4.97 22.41 45.03
CA ARG A 414 6.13 22.66 44.18
C ARG A 414 6.03 23.95 43.38
N ALA A 415 4.83 24.52 43.22
CA ALA A 415 4.74 25.85 42.64
C ALA A 415 5.29 26.89 43.60
N ALA A 416 5.20 26.65 44.90
CA ALA A 416 5.64 27.60 45.91
C ALA A 416 7.14 27.53 46.19
N THR A 417 7.92 26.68 45.50
CA THR A 417 9.32 26.52 45.86
C THR A 417 10.23 26.46 44.64
N ALA A 418 9.75 26.85 43.46
CA ALA A 418 10.55 26.79 42.24
C ALA A 418 11.32 28.06 41.91
N GLY A 419 11.06 29.16 42.60
CA GLY A 419 11.79 30.37 42.29
C GLY A 419 11.36 30.90 40.93
N ASN A 420 12.31 31.04 40.01
CA ASN A 420 12.05 31.58 38.68
C ASN A 420 12.99 30.88 37.70
N GLY A 421 12.79 31.16 36.39
CA GLY A 421 13.52 30.46 35.36
C GLY A 421 14.10 31.41 34.33
N ASN A 422 15.13 30.90 33.63
CA ASN A 422 15.91 31.70 32.70
C ASN A 422 15.04 32.26 31.59
N GLU A 423 14.44 33.42 31.86
CA GLU A 423 13.41 34.06 31.04
C GLU A 423 13.61 33.93 29.54
N ALA A 424 14.84 34.12 29.06
CA ALA A 424 15.03 34.08 27.61
C ALA A 424 14.73 32.71 27.05
N ALA A 425 15.19 31.65 27.74
CA ALA A 425 14.93 30.29 27.29
C ALA A 425 13.44 30.00 27.19
N ILE A 426 12.70 30.20 28.30
CA ILE A 426 11.25 30.00 28.27
C ILE A 426 10.67 30.71 27.07
N GLU A 427 10.89 32.03 26.99
CA GLU A 427 10.34 32.81 25.89
C GLU A 427 10.82 32.30 24.53
N ALA A 428 12.08 31.91 24.46
CA ALA A 428 12.58 31.28 23.23
C ALA A 428 11.76 30.04 22.89
N GLN A 429 11.57 29.15 23.88
CA GLN A 429 10.78 27.94 23.66
C GLN A 429 9.36 28.28 23.24
N ALA A 430 8.73 29.24 23.93
CA ALA A 430 7.38 29.63 23.54
C ALA A 430 7.37 30.13 22.11
N ALA A 431 8.46 30.74 21.67
CA ALA A 431 8.55 31.19 20.29
C ALA A 431 8.70 30.00 19.36
N GLY A 432 9.49 29.01 19.77
CA GLY A 432 9.69 27.84 18.94
C GLY A 432 8.41 27.07 18.64
N VAL A 433 7.47 27.02 19.60
CA VAL A 433 6.17 26.43 19.32
C VAL A 433 5.46 27.20 18.21
N GLU A 434 5.53 28.53 18.27
CA GLU A 434 4.94 29.39 17.25
C GLU A 434 5.50 29.07 15.88
N GLN A 435 6.82 28.95 15.78
CA GLN A 435 7.44 28.63 14.50
C GLN A 435 7.07 27.21 14.09
N ARG A 436 7.36 26.24 14.95
CA ARG A 436 7.02 24.85 14.66
CA ARG A 436 7.03 24.85 14.65
C ARG A 436 5.61 24.72 14.13
N LEU A 437 4.69 25.51 14.71
CA LEU A 437 3.30 25.47 14.28
C LEU A 437 3.07 26.12 12.92
N LYS A 438 3.98 26.99 12.48
CA LYS A 438 3.78 27.59 11.17
C LYS A 438 4.51 26.81 10.08
N ASP A 439 5.71 26.31 10.37
CA ASP A 439 6.30 25.28 9.51
C ASP A 439 5.33 24.15 9.26
N LEU A 440 4.50 23.83 10.25
CA LEU A 440 3.54 22.76 10.10
C LEU A 440 2.45 23.13 9.09
N VAL A 441 1.95 24.38 9.15
CA VAL A 441 0.93 24.80 8.20
C VAL A 441 1.59 25.09 6.86
N ASN A 442 0.96 24.63 5.79
CA ASN A 442 1.60 24.61 4.48
C ASN A 442 2.90 23.81 4.54
N GLN A 443 2.87 22.66 5.21
CA GLN A 443 4.00 21.77 5.18
C GLN A 443 4.20 21.24 3.77
N ASP A 444 5.46 20.97 3.42
CA ASP A 444 5.80 20.40 2.13
C ASP A 444 5.44 18.92 2.13
N GLY A 445 4.33 18.56 1.48
CA GLY A 445 3.95 17.15 1.41
C GLY A 445 2.60 16.97 0.76
N GLY A 446 2.27 15.69 0.54
CA GLY A 446 1.01 15.30 -0.07
C GLY A 446 0.38 14.04 0.50
N GLU A 447 0.74 13.65 1.73
CA GLU A 447 0.11 12.53 2.41
C GLU A 447 -1.18 12.97 3.08
N ASN A 448 -2.10 12.02 3.27
CA ASN A 448 -3.42 12.29 3.83
C ASN A 448 -3.47 11.79 5.27
N TRP A 449 -3.68 12.71 6.23
CA TRP A 449 -3.62 12.30 7.63
C TRP A 449 -4.73 11.33 7.97
N ALA A 450 -5.90 11.46 7.35
CA ALA A 450 -6.98 10.49 7.58
C ALA A 450 -6.46 9.07 7.36
N LYS A 451 -5.94 8.80 6.16
CA LYS A 451 -5.44 7.47 5.81
C LYS A 451 -4.32 7.05 6.76
N ILE A 452 -3.32 7.93 6.97
CA ILE A 452 -2.26 7.58 7.91
C ILE A 452 -2.85 7.15 9.24
N ARG A 453 -3.92 7.83 9.67
CA ARG A 453 -4.54 7.52 10.95
C ARG A 453 -5.15 6.12 10.94
N ASP A 454 -5.80 5.73 9.84
CA ASP A 454 -6.50 4.45 9.86
C ASP A 454 -5.54 3.27 9.80
N GLU A 455 -4.43 3.42 9.09
CA GLU A 455 -3.47 2.32 8.99
C GLU A 455 -2.80 2.07 10.35
N MET A 456 -2.53 3.12 11.12
CA MET A 456 -2.11 2.97 12.51
C MET A 456 -3.14 2.20 13.30
N GLY A 457 -4.42 2.55 13.12
CA GLY A 457 -5.49 1.82 13.78
C GLY A 457 -5.51 0.35 13.41
N LEU A 458 -5.43 0.04 12.11
CA LEU A 458 -5.40 -1.35 11.72
C LEU A 458 -4.19 -2.06 12.31
N ALA A 459 -3.00 -1.47 12.19
CA ALA A 459 -1.81 -2.13 12.71
C ALA A 459 -1.89 -2.39 14.21
N MET A 460 -2.57 -1.50 14.95
CA MET A 460 -2.74 -1.70 16.38
C MET A 460 -3.58 -2.93 16.66
N GLU A 461 -4.72 -3.04 15.97
CA GLU A 461 -5.57 -4.21 16.13
C GLU A 461 -4.82 -5.49 15.81
N GLU A 462 -4.11 -5.51 14.69
CA GLU A 462 -3.50 -6.75 14.22
C GLU A 462 -2.36 -7.15 15.13
N GLY A 463 -1.47 -6.20 15.45
CA GLY A 463 -0.21 -6.51 16.11
C GLY A 463 -0.15 -6.31 17.61
N CYS A 464 -1.17 -5.68 18.22
CA CYS A 464 -1.15 -5.39 19.66
C CYS A 464 -2.50 -5.72 20.28
N GLY A 465 -3.14 -6.77 19.78
CA GLY A 465 -4.43 -7.20 20.29
C GLY A 465 -4.33 -8.25 21.39
N ILE A 466 -5.46 -8.93 21.60
CA ILE A 466 -5.68 -9.88 22.69
C ILE A 466 -4.46 -10.76 22.94
N TYR A 467 -4.02 -11.51 21.93
CA TYR A 467 -2.76 -12.24 21.96
C TYR A 467 -1.79 -11.67 20.93
N ARG A 468 -0.51 -11.67 21.28
CA ARG A 468 0.53 -11.16 20.40
C ARG A 468 1.48 -12.27 19.99
N THR A 469 2.07 -12.11 18.81
CA THR A 469 3.16 -12.97 18.37
C THR A 469 4.30 -12.10 17.87
N PRO A 470 5.55 -12.57 18.02
CA PRO A 470 6.69 -11.75 17.57
C PRO A 470 6.59 -11.37 16.12
N GLU A 471 5.80 -12.08 15.32
CA GLU A 471 5.72 -11.72 13.92
C GLU A 471 4.60 -10.72 13.65
N LEU A 472 3.46 -10.85 14.34
CA LEU A 472 2.44 -9.84 14.17
C LEU A 472 2.84 -8.53 14.84
N MET A 473 3.68 -8.59 15.87
CA MET A 473 4.14 -7.34 16.46
C MET A 473 5.16 -6.66 15.57
N GLN A 474 5.99 -7.44 14.86
CA GLN A 474 7.07 -6.82 14.10
C GLN A 474 6.56 -6.23 12.80
N LYS A 475 5.57 -6.88 12.21
CA LYS A 475 4.84 -6.29 11.09
C LYS A 475 4.32 -4.91 11.47
N THR A 476 3.80 -4.76 12.70
CA THR A 476 3.15 -3.52 13.05
C THR A 476 4.14 -2.47 13.52
N ILE A 477 5.18 -2.90 14.24
CA ILE A 477 6.31 -2.01 14.49
C ILE A 477 6.82 -1.41 13.20
N ASP A 478 6.92 -2.24 12.15
CA ASP A 478 7.35 -1.74 10.84
C ASP A 478 6.36 -0.73 10.28
N LYS A 479 5.10 -1.14 10.15
CA LYS A 479 4.08 -0.24 9.60
C LYS A 479 4.11 1.13 10.28
N LEU A 480 4.24 1.16 11.61
CA LEU A 480 4.31 2.45 12.29
C LEU A 480 5.52 3.23 11.81
N ALA A 481 6.70 2.60 11.81
CA ALA A 481 7.88 3.24 11.26
C ALA A 481 7.59 3.78 9.86
N GLU A 482 6.95 2.98 9.02
CA GLU A 482 6.59 3.47 7.70
C GLU A 482 5.62 4.63 7.81
N LEU A 483 4.68 4.55 8.75
CA LEU A 483 3.66 5.60 8.81
C LEU A 483 4.25 6.90 9.36
N GLN A 484 5.18 6.80 10.33
CA GLN A 484 5.69 8.04 10.88
C GLN A 484 6.62 8.76 9.91
N GLU A 485 7.22 8.05 8.97
CA GLU A 485 7.94 8.73 7.90
C GLU A 485 6.97 9.50 7.02
N ARG A 486 5.91 8.84 6.54
CA ARG A 486 4.86 9.57 5.81
C ARG A 486 4.27 10.72 6.63
N PHE A 487 4.19 10.57 7.96
CA PHE A 487 3.68 11.67 8.79
C PHE A 487 4.50 12.94 8.55
N LYS A 488 5.82 12.81 8.38
CA LYS A 488 6.66 13.96 8.10
C LYS A 488 6.24 14.71 6.83
N ARG A 489 5.30 14.19 6.04
CA ARG A 489 4.92 14.79 4.78
C ARG A 489 3.41 14.84 4.62
N VAL A 490 2.69 15.18 5.70
CA VAL A 490 1.24 15.29 5.62
C VAL A 490 0.82 16.72 5.29
N ARG A 491 -0.26 16.85 4.52
CA ARG A 491 -0.70 18.12 3.96
C ARG A 491 -1.80 18.71 4.84
N ILE A 492 -1.48 19.82 5.51
CA ILE A 492 -2.47 20.60 6.25
C ILE A 492 -2.99 21.67 5.29
N THR A 493 -4.15 21.41 4.69
CA THR A 493 -4.70 22.33 3.72
C THR A 493 -5.36 23.53 4.40
N ASP A 494 -5.41 24.64 3.68
CA ASP A 494 -5.73 25.96 4.23
C ASP A 494 -7.19 26.15 4.63
N THR A 495 -7.75 25.23 5.43
CA THR A 495 -9.10 25.39 5.98
C THR A 495 -9.03 26.45 7.07
N SER A 496 -9.08 27.71 6.65
CA SER A 496 -8.87 28.85 7.52
C SER A 496 -10.10 29.76 7.58
N VAL A 498 -8.68 31.38 10.15
CA VAL A 498 -7.85 31.21 11.34
C VAL A 498 -7.12 29.88 11.34
N PHE A 499 -6.99 29.29 12.52
CA PHE A 499 -6.24 28.04 12.70
C PHE A 499 -7.13 26.82 12.44
N ASN A 500 -6.55 25.85 11.75
CA ASN A 500 -7.28 24.76 11.12
C ASN A 500 -7.62 23.65 12.11
N THR A 501 -8.84 23.12 12.01
CA THR A 501 -9.15 21.83 12.59
C THR A 501 -8.25 20.74 12.02
N ASP A 502 -7.95 20.83 10.72
CA ASP A 502 -7.07 19.84 10.12
C ASP A 502 -5.69 19.85 10.78
N LEU A 503 -5.24 21.00 11.26
CA LEU A 503 -3.91 21.05 11.84
C LEU A 503 -3.88 20.40 13.22
N LEU A 504 -4.98 20.53 13.97
CA LEU A 504 -5.05 19.92 15.30
C LEU A 504 -5.20 18.40 15.21
N TYR A 505 -6.08 17.92 14.32
CA TYR A 505 -6.20 16.48 14.09
C TYR A 505 -4.86 15.88 13.68
N THR A 506 -4.00 16.67 13.06
CA THR A 506 -2.69 16.19 12.66
C THR A 506 -1.75 16.14 13.84
N ILE A 507 -1.81 17.14 14.72
CA ILE A 507 -0.97 17.13 15.90
C ILE A 507 -1.35 15.98 16.81
N GLU A 508 -2.65 15.69 16.88
CA GLU A 508 -3.13 14.50 17.59
C GLU A 508 -2.54 13.23 16.99
N LEU A 509 -2.64 13.10 15.66
CA LEU A 509 -2.12 11.93 14.98
C LEU A 509 -0.65 11.71 15.30
N GLY A 510 0.15 12.76 15.16
CA GLY A 510 1.53 12.69 15.63
C GLY A 510 1.61 12.11 17.02
N HIS A 511 0.86 12.69 17.96
CA HIS A 511 0.89 12.20 19.32
C HIS A 511 0.52 10.72 19.38
N GLY A 512 -0.59 10.35 18.75
CA GLY A 512 -0.92 8.95 18.62
C GLY A 512 0.22 8.10 18.08
N LEU A 513 0.84 8.55 16.98
CA LEU A 513 1.88 7.73 16.36
C LEU A 513 3.00 7.42 17.34
N ASN A 514 3.50 8.44 18.06
CA ASN A 514 4.65 8.22 18.95
C ASN A 514 4.29 7.28 20.09
N VAL A 515 3.07 7.40 20.63
CA VAL A 515 2.67 6.51 21.71
C VAL A 515 2.38 5.13 21.16
N ALA A 516 1.95 5.02 19.90
CA ALA A 516 1.75 3.69 19.31
C ALA A 516 3.05 2.91 19.26
N GLU A 517 4.11 3.49 18.68
CA GLU A 517 5.39 2.81 18.69
C GLU A 517 5.77 2.36 20.10
N CYS A 518 5.54 3.25 21.09
CA CYS A 518 5.87 2.95 22.49
C CYS A 518 5.16 1.69 22.97
N MET A 519 3.89 1.58 22.65
CA MET A 519 3.13 0.37 22.92
C MET A 519 3.81 -0.81 22.26
N ALA A 520 3.81 -0.82 20.92
CA ALA A 520 4.31 -1.94 20.12
C ALA A 520 5.74 -2.32 20.50
N HIS A 521 6.63 -1.34 20.60
CA HIS A 521 7.99 -1.67 20.98
C HIS A 521 8.04 -2.35 22.34
N SER A 522 7.22 -1.86 23.27
CA SER A 522 7.22 -2.47 24.58
C SER A 522 6.60 -3.86 24.56
N ALA A 523 5.56 -4.06 23.77
CA ALA A 523 4.95 -5.38 23.71
C ALA A 523 5.96 -6.37 23.18
N MET A 524 6.42 -6.15 21.95
CA MET A 524 7.48 -6.92 21.31
C MET A 524 8.61 -7.27 22.24
N ALA A 525 9.04 -6.31 23.05
CA ALA A 525 10.18 -6.54 23.92
C ALA A 525 9.83 -7.26 25.23
N ARG A 526 8.54 -7.39 25.60
CA ARG A 526 8.21 -8.04 26.87
C ARG A 526 7.99 -9.52 26.63
N LYS A 527 9.01 -10.33 26.95
CA LYS A 527 9.02 -11.75 26.57
C LYS A 527 8.50 -12.63 27.71
N GLU A 528 7.22 -12.40 27.99
CA GLU A 528 6.46 -13.02 29.06
C GLU A 528 4.99 -12.77 28.74
N SER A 529 4.12 -13.39 29.50
CA SER A 529 2.69 -13.11 29.44
C SER A 529 2.26 -12.65 30.81
N ARG A 530 1.75 -11.42 30.89
CA ARG A 530 1.34 -10.84 32.16
C ARG A 530 0.11 -9.98 31.94
N GLY A 531 -0.89 -10.16 32.79
CA GLY A 531 -2.12 -9.40 32.68
C GLY A 531 -2.60 -9.20 31.26
N ALA A 532 -2.86 -7.96 30.87
CA ALA A 532 -3.45 -7.71 29.56
C ALA A 532 -2.53 -8.15 28.43
N HIS A 533 -1.22 -8.24 28.70
CA HIS A 533 -0.21 -8.58 27.70
C HIS A 533 -0.09 -10.11 27.64
N GLN A 534 -0.65 -10.72 26.60
CA GLN A 534 -0.63 -12.18 26.45
C GLN A 534 0.02 -12.59 25.12
N ARG A 535 1.06 -13.43 25.20
CA ARG A 535 1.82 -13.88 24.04
C ARG A 535 1.61 -15.38 23.77
N LEU A 536 1.58 -15.75 22.48
CA LEU A 536 1.39 -17.14 22.02
C LEU A 536 2.70 -17.90 21.84
N ASP A 537 3.79 -17.19 21.58
CA ASP A 537 5.00 -17.85 21.14
C ASP A 537 5.72 -18.52 22.30
N GLU A 538 6.38 -19.63 21.99
CA GLU A 538 7.18 -20.37 22.96
C GLU A 538 8.17 -19.47 23.67
N GLY A 539 8.41 -19.76 24.94
CA GLY A 539 9.17 -18.92 25.85
C GLY A 539 8.34 -17.90 26.61
N CYS A 540 7.37 -17.29 25.93
CA CYS A 540 6.65 -16.13 26.44
C CYS A 540 5.16 -16.42 26.68
N THR A 541 4.80 -17.66 27.04
CA THR A 541 3.40 -17.89 27.39
C THR A 541 3.14 -17.78 28.88
N GLU A 542 4.16 -17.88 29.72
CA GLU A 542 4.01 -17.91 31.15
C GLU A 542 4.42 -16.58 31.75
N ARG A 543 3.87 -16.23 32.89
CA ARG A 543 4.39 -15.10 33.62
C ARG A 543 5.75 -15.43 34.21
N ASP A 544 6.72 -14.52 34.05
CA ASP A 544 8.11 -14.74 34.39
C ASP A 544 8.56 -13.69 35.42
N ASP A 545 8.41 -14.04 36.71
CA ASP A 545 8.81 -13.11 37.76
C ASP A 545 10.31 -13.02 37.96
N VAL A 546 11.10 -13.97 37.44
CA VAL A 546 12.52 -13.87 37.70
C VAL A 546 13.17 -12.84 36.79
N ASN A 547 12.61 -12.61 35.61
CA ASN A 547 13.22 -11.68 34.66
C ASN A 547 12.42 -10.43 34.42
N PHE A 548 11.09 -10.50 34.46
CA PHE A 548 10.29 -9.37 33.99
C PHE A 548 9.43 -8.75 35.08
N LEU A 549 9.69 -9.05 36.36
CA LEU A 549 9.07 -8.29 37.43
C LEU A 549 9.63 -6.88 37.39
N LYS A 550 9.34 -6.16 36.31
CA LYS A 550 9.97 -4.90 35.99
C LYS A 550 8.97 -4.08 35.19
N HIS A 551 9.10 -2.76 35.27
CA HIS A 551 8.32 -1.83 34.47
C HIS A 551 8.99 -1.62 33.12
N THR A 552 8.19 -1.41 32.10
CA THR A 552 8.71 -1.04 30.79
C THR A 552 8.63 0.47 30.65
N LEU A 553 9.78 1.12 30.68
CA LEU A 553 9.88 2.55 30.38
C LEU A 553 10.25 2.71 28.91
N ALA A 554 9.47 3.52 28.18
CA ALA A 554 9.65 3.74 26.75
C ALA A 554 9.99 5.21 26.48
N PHE A 555 11.26 5.51 26.18
CA PHE A 555 11.69 6.85 25.84
C PHE A 555 11.59 7.12 24.35
N ARG A 556 11.66 8.39 23.98
CA ARG A 556 11.72 8.81 22.58
C ARG A 556 12.84 9.84 22.45
N ASP A 557 13.83 9.51 21.66
CA ASP A 557 14.99 10.37 21.46
C ASP A 557 14.70 11.40 20.37
N ALA A 558 15.48 12.48 20.36
CA ALA A 558 15.29 13.52 19.35
C ALA A 558 15.36 12.97 17.93
N ASP A 559 16.15 11.90 17.74
CA ASP A 559 16.28 11.31 16.41
C ASP A 559 14.99 10.67 15.92
N GLY A 560 14.02 10.46 16.81
CA GLY A 560 12.74 9.85 16.44
C GLY A 560 12.61 8.36 16.71
N THR A 561 13.56 7.76 17.40
CA THR A 561 13.53 6.33 17.63
C THR A 561 13.17 6.03 19.07
N THR A 562 12.71 4.80 19.32
CA THR A 562 12.10 4.42 20.58
C THR A 562 13.08 3.60 21.38
N ARG A 563 13.40 4.07 22.58
CA ARG A 563 14.36 3.40 23.45
C ARG A 563 13.65 2.86 24.68
N LEU A 564 13.97 1.63 25.05
CA LEU A 564 13.29 0.97 26.16
C LEU A 564 14.21 0.89 27.36
N GLU A 565 13.61 0.86 28.53
CA GLU A 565 14.35 0.63 29.76
C GLU A 565 13.42 0.01 30.78
N TYR A 566 14.00 -0.45 31.87
CA TYR A 566 13.23 -1.16 32.88
C TYR A 566 13.58 -0.63 34.26
N SER A 567 12.60 -0.67 35.15
CA SER A 567 12.79 -0.28 36.53
C SER A 567 12.21 -1.38 37.39
N ASP A 568 12.58 -1.37 38.66
CA ASP A 568 12.09 -2.41 39.52
C ASP A 568 10.64 -2.11 39.89
N VAL A 569 10.02 -3.02 40.64
CA VAL A 569 8.64 -2.89 41.07
C VAL A 569 8.64 -2.90 42.60
N LYS A 570 8.23 -1.78 43.20
CA LYS A 570 8.18 -1.70 44.64
C LYS A 570 7.26 -2.77 45.20
N ILE A 571 7.87 -3.82 45.73
CA ILE A 571 7.17 -4.81 46.52
C ILE A 571 7.43 -4.48 47.98
N THR A 572 6.34 -4.40 48.75
CA THR A 572 6.41 -4.14 50.19
C THR A 572 5.82 -5.28 50.98
N THR A 573 4.50 -5.50 50.92
CA THR A 573 3.84 -6.58 51.66
C THR A 573 3.75 -7.88 50.85
N LEU A 574 3.54 -7.81 49.53
CA LEU A 574 3.11 -8.97 48.73
C LEU A 574 4.13 -9.33 47.66
N PRO A 575 5.13 -10.16 48.00
CA PRO A 575 6.00 -10.73 46.97
C PRO A 575 5.20 -11.58 46.01
N PRO A 576 5.71 -11.82 44.80
CA PRO A 576 4.95 -12.62 43.82
C PRO A 576 4.58 -14.01 44.35
N ALA A 577 3.40 -14.47 43.93
CA ALA A 577 2.83 -15.75 44.34
C ALA A 577 3.80 -16.95 44.27
N LYS B 1 -17.79 29.84 12.01
CA LYS B 1 -18.94 29.06 11.55
C LYS B 1 -18.50 27.62 11.26
N ALA B 2 -17.20 27.37 11.19
CA ALA B 2 -16.65 26.02 11.16
C ALA B 2 -16.12 25.59 12.52
N ILE B 4 -18.46 25.02 14.91
CA ILE B 4 -19.50 24.05 15.26
C ILE B 4 -19.04 22.63 14.91
N HIS B 5 -18.12 22.48 13.96
CA HIS B 5 -17.41 21.22 13.78
C HIS B 5 -16.75 20.77 15.08
N TRP B 6 -16.25 21.72 15.88
CA TRP B 6 -15.60 21.42 17.14
C TRP B 6 -16.59 21.24 18.30
N ALA B 7 -17.81 21.79 18.17
CA ALA B 7 -18.89 21.49 19.09
C ALA B 7 -19.56 20.15 18.77
N CYS B 8 -18.88 19.31 17.99
CA CYS B 8 -19.38 17.98 17.64
C CYS B 8 -18.57 16.86 18.28
N ARG B 9 -17.35 17.12 18.75
CA ARG B 9 -16.57 16.12 19.46
C ARG B 9 -17.08 15.94 20.88
N ARG B 10 -17.57 14.74 21.19
CA ARG B 10 -18.22 14.42 22.45
C ARG B 10 -17.42 13.41 23.25
N GLY B 11 -17.73 13.32 24.56
CA GLY B 11 -17.05 12.36 25.41
C GLY B 11 -17.52 10.94 25.22
N MET B 12 -18.77 10.76 24.81
CA MET B 12 -19.32 9.45 24.52
C MET B 12 -19.07 9.10 23.07
N ARG B 13 -18.56 7.89 22.84
CA ARG B 13 -18.31 7.45 21.48
C ARG B 13 -19.61 7.44 20.67
N GLU B 14 -20.74 7.31 21.34
CA GLU B 14 -22.03 7.21 20.66
C GLU B 14 -22.39 8.49 19.92
N LEU B 15 -22.09 9.66 20.51
CA LEU B 15 -22.45 10.92 19.89
C LEU B 15 -21.50 11.31 18.75
N ASP B 16 -20.28 10.78 18.75
CA ASP B 16 -19.42 10.97 17.58
C ASP B 16 -20.04 10.38 16.32
N ILE B 17 -20.73 9.24 16.43
CA ILE B 17 -21.34 8.61 15.27
C ILE B 17 -22.73 9.19 14.98
N SER B 18 -23.37 9.84 15.95
CA SER B 18 -24.70 10.37 15.76
C SER B 18 -24.74 11.84 15.36
N ILE B 19 -23.69 12.60 15.63
CA ILE B 19 -23.71 14.05 15.46
C ILE B 19 -22.67 14.53 14.46
N MET B 20 -21.48 13.95 14.47
CA MET B 20 -20.40 14.38 13.59
C MET B 20 -20.67 14.05 12.11
N PRO B 21 -21.13 12.85 11.74
CA PRO B 21 -21.43 12.60 10.31
C PRO B 21 -22.75 13.18 9.84
N PHE B 22 -23.71 13.45 10.73
CA PHE B 22 -24.91 14.21 10.35
C PHE B 22 -24.56 15.67 10.07
N PHE B 23 -23.60 16.21 10.81
CA PHE B 23 -23.10 17.55 10.51
C PHE B 23 -22.32 17.55 9.20
N GLU B 24 -21.65 16.44 8.89
CA GLU B 24 -20.87 16.34 7.67
C GLU B 24 -21.76 16.14 6.44
N HIS B 25 -22.47 15.02 6.39
CA HIS B 25 -23.24 14.67 5.20
C HIS B 25 -24.34 15.68 4.90
N GLU B 26 -24.93 16.28 5.94
CA GLU B 26 -25.96 17.29 5.74
C GLU B 26 -25.58 18.62 6.40
N TYR B 27 -26.48 19.18 7.22
CA TYR B 27 -26.34 20.49 7.85
C TYR B 27 -26.44 21.61 6.82
N ASP B 28 -25.46 21.69 5.92
CA ASP B 28 -25.61 22.53 4.73
C ASP B 28 -26.62 21.85 3.80
N SER B 29 -27.89 21.88 4.19
CA SER B 29 -28.96 21.23 3.45
C SER B 29 -30.28 21.91 3.79
N LEU B 30 -30.70 21.80 5.05
CA LEU B 30 -31.83 22.56 5.61
C LEU B 30 -31.24 23.47 6.69
N SER B 31 -31.03 24.75 6.33
CA SER B 31 -30.24 25.66 7.16
C SER B 31 -31.16 26.80 7.60
N ASP B 32 -30.87 28.04 7.21
CA ASP B 32 -31.54 29.23 7.73
C ASP B 32 -31.44 29.25 9.25
N ASP B 33 -32.49 29.72 9.92
CA ASP B 33 -32.54 29.62 11.38
C ASP B 33 -33.39 28.45 11.83
N GLU B 34 -33.30 27.35 11.08
CA GLU B 34 -33.53 26.03 11.62
C GLU B 34 -32.25 25.43 12.18
N LYS B 35 -31.09 25.88 11.70
CA LYS B 35 -29.84 25.66 12.42
C LYS B 35 -29.78 26.43 13.73
N ARG B 36 -30.83 27.20 14.06
CA ARG B 36 -30.98 27.83 15.36
C ARG B 36 -31.22 26.80 16.45
N ILE B 37 -31.64 25.59 16.11
CA ILE B 37 -31.78 24.52 17.10
C ILE B 37 -30.53 23.65 17.15
N PHE B 38 -29.83 23.47 16.03
CA PHE B 38 -28.61 22.68 15.99
C PHE B 38 -27.59 23.20 17.01
N ILE B 39 -27.20 24.47 16.87
CA ILE B 39 -26.25 25.06 17.80
C ILE B 39 -26.84 25.12 19.21
N ARG B 40 -28.12 25.52 19.33
CA ARG B 40 -28.80 25.54 20.63
C ARG B 40 -28.75 24.18 21.30
N LEU B 41 -28.92 23.10 20.53
CA LEU B 41 -28.97 21.76 21.11
C LEU B 41 -27.58 21.22 21.45
N LEU B 42 -26.55 21.59 20.70
CA LEU B 42 -25.19 21.22 21.06
C LEU B 42 -24.77 21.80 22.41
N GLU B 43 -25.39 22.90 22.84
CA GLU B 43 -25.11 23.45 24.16
C GLU B 43 -25.89 22.70 25.24
N CYS B 44 -25.82 21.38 25.23
CA CYS B 44 -26.52 20.55 26.20
C CYS B 44 -25.64 19.39 26.65
N ASP B 45 -25.93 18.88 27.84
CA ASP B 45 -25.14 17.82 28.46
C ASP B 45 -25.02 16.61 27.54
N ASP B 46 -23.90 15.91 27.63
CA ASP B 46 -23.73 14.72 26.79
C ASP B 46 -24.75 13.62 27.09
N PRO B 47 -25.02 13.22 28.35
CA PRO B 47 -26.07 12.20 28.56
C PRO B 47 -27.41 12.59 27.94
N ASP B 48 -27.84 13.84 28.14
CA ASP B 48 -29.09 14.29 27.55
C ASP B 48 -29.08 14.13 26.03
N LEU B 49 -27.95 14.44 25.38
CA LEU B 49 -27.87 14.28 23.93
C LEU B 49 -27.85 12.80 23.51
N PHE B 50 -27.21 11.93 24.29
CA PHE B 50 -27.35 10.49 24.04
C PHE B 50 -28.78 10.04 24.26
N ASN B 51 -29.39 10.47 25.37
CA ASN B 51 -30.71 9.94 25.75
C ASN B 51 -31.81 10.43 24.81
N TRP B 52 -31.91 11.75 24.63
CA TRP B 52 -32.91 12.31 23.71
C TRP B 52 -32.75 11.80 22.28
N LEU B 53 -31.66 11.06 21.99
CA LEU B 53 -31.53 10.35 20.73
C LEU B 53 -32.01 8.90 20.83
N MET B 54 -31.91 8.30 22.00
CA MET B 54 -32.43 6.96 22.25
C MET B 54 -33.88 6.97 22.71
N ASN B 55 -34.49 8.15 22.81
CA ASN B 55 -35.86 8.32 23.32
C ASN B 55 -36.03 7.77 24.73
N HIS B 56 -34.97 7.79 25.55
CA HIS B 56 -35.11 7.65 27.00
C HIS B 56 -35.37 9.03 27.61
N GLY B 57 -36.50 9.60 27.22
CA GLY B 57 -36.89 10.96 27.59
C GLY B 57 -36.98 11.86 26.38
N LYS B 58 -37.39 13.11 26.65
CA LYS B 58 -37.58 14.14 25.62
C LYS B 58 -37.12 15.52 26.10
N PRO B 59 -36.42 16.27 25.25
CA PRO B 59 -35.98 17.61 25.65
C PRO B 59 -37.14 18.57 25.89
N ALA B 60 -36.88 19.59 26.71
CA ALA B 60 -37.92 20.52 27.15
C ALA B 60 -38.40 21.41 26.01
N ASP B 61 -37.56 22.37 25.61
CA ASP B 61 -37.87 23.25 24.48
C ASP B 61 -38.16 22.42 23.24
N ALA B 62 -39.43 22.01 23.07
CA ALA B 62 -39.86 21.12 21.99
C ALA B 62 -39.55 21.69 20.61
N GLU B 63 -39.02 22.90 20.56
CA GLU B 63 -38.31 23.33 19.35
C GLU B 63 -37.04 22.50 19.17
N LEU B 64 -36.47 21.99 20.27
CA LEU B 64 -35.33 21.10 20.23
C LEU B 64 -35.74 19.63 20.11
N GLU B 65 -36.95 19.26 20.51
CA GLU B 65 -37.43 17.90 20.28
C GLU B 65 -37.71 17.64 18.80
N MET B 66 -38.07 18.68 18.03
CA MET B 66 -38.15 18.54 16.58
C MET B 66 -36.78 18.22 16.00
N MET B 67 -35.75 18.91 16.49
CA MET B 67 -34.41 18.68 15.96
C MET B 67 -33.91 17.28 16.29
N VAL B 68 -34.41 16.69 17.39
CA VAL B 68 -34.08 15.30 17.70
C VAL B 68 -34.78 14.35 16.75
N ARG B 69 -35.95 14.74 16.23
CA ARG B 69 -36.58 13.94 15.18
C ARG B 69 -35.80 14.03 13.88
N LEU B 70 -35.39 15.24 13.48
CA LEU B 70 -34.66 15.40 12.22
C LEU B 70 -33.31 14.69 12.24
N ILE B 71 -32.69 14.54 13.42
CA ILE B 71 -31.43 13.82 13.48
C ILE B 71 -31.66 12.31 13.53
N GLN B 72 -32.73 11.85 14.20
CA GLN B 72 -33.06 10.42 14.16
C GLN B 72 -33.46 9.98 12.76
N THR B 73 -34.40 10.70 12.14
CA THR B 73 -34.96 10.26 10.86
C THR B 73 -33.93 10.42 9.74
N ARG B 74 -33.29 11.59 9.66
CA ARG B 74 -32.29 11.79 8.61
C ARG B 74 -31.14 10.79 8.73
N ASN B 75 -30.87 10.28 9.94
CA ASN B 75 -29.84 9.26 10.13
C ASN B 75 -30.37 7.86 9.85
N ARG B 76 -31.64 7.59 10.17
CA ARG B 76 -32.30 6.34 9.78
C ARG B 76 -32.48 6.19 8.28
N GLU B 77 -32.01 7.18 7.50
CA GLU B 77 -31.92 7.14 6.04
C GLU B 77 -30.50 7.49 5.62
N ARG B 78 -29.52 6.77 6.17
CA ARG B 78 -28.12 7.14 5.98
C ARG B 78 -27.24 5.90 5.74
N GLY B 79 -27.15 5.00 6.72
CA GLY B 79 -26.32 3.82 6.56
C GLY B 79 -25.93 3.03 7.80
N MET C 1 22.59 -36.11 -19.77
CA MET C 1 21.57 -35.17 -20.24
C MET C 1 21.21 -35.54 -21.68
N GLN C 2 19.92 -35.54 -21.98
CA GLN C 2 19.43 -35.89 -23.31
C GLN C 2 19.98 -34.94 -24.37
N THR C 3 20.01 -35.40 -25.62
CA THR C 3 20.79 -34.71 -26.63
C THR C 3 20.13 -34.82 -28.00
N PHE C 4 19.97 -33.68 -28.69
CA PHE C 4 19.50 -33.63 -30.07
C PHE C 4 20.61 -33.05 -30.93
N GLN C 5 20.87 -33.66 -32.08
CA GLN C 5 21.88 -33.11 -32.98
C GLN C 5 21.14 -32.50 -34.17
N ALA C 6 21.24 -31.18 -34.29
CA ALA C 6 20.57 -30.43 -35.34
C ALA C 6 21.62 -29.76 -36.20
N ASP C 7 21.17 -29.22 -37.34
CA ASP C 7 22.01 -28.33 -38.11
C ASP C 7 21.89 -26.90 -37.61
N LEU C 8 20.66 -26.44 -37.42
CA LEU C 8 20.33 -25.16 -36.81
C LEU C 8 19.51 -25.40 -35.57
N ALA C 9 19.70 -24.54 -34.57
CA ALA C 9 18.74 -24.34 -33.50
C ALA C 9 18.28 -22.88 -33.55
N ILE C 10 16.97 -22.67 -33.50
CA ILE C 10 16.36 -21.35 -33.50
C ILE C 10 15.67 -21.14 -32.16
N VAL C 11 16.11 -20.14 -31.41
CA VAL C 11 15.59 -19.84 -30.08
C VAL C 11 14.55 -18.75 -30.23
N GLY C 12 13.29 -19.11 -30.13
CA GLY C 12 12.21 -18.17 -30.36
C GLY C 12 11.34 -18.52 -31.54
N ALA C 13 10.03 -18.46 -31.37
CA ALA C 13 9.14 -18.83 -32.45
C ALA C 13 8.00 -17.83 -32.58
N GLY C 14 8.30 -16.54 -32.48
CA GLY C 14 7.46 -15.49 -33.03
C GLY C 14 7.62 -15.43 -34.56
N GLY C 15 7.23 -14.28 -35.12
CA GLY C 15 7.37 -14.08 -36.56
C GLY C 15 8.78 -14.34 -37.07
N ALA C 16 9.79 -13.83 -36.35
CA ALA C 16 11.15 -13.89 -36.89
C ALA C 16 11.69 -15.30 -36.89
N GLY C 17 11.47 -16.06 -35.80
CA GLY C 17 12.02 -17.40 -35.71
C GLY C 17 11.30 -18.39 -36.61
N LEU C 18 9.97 -18.34 -36.66
CA LEU C 18 9.24 -19.17 -37.59
C LEU C 18 9.66 -18.86 -39.02
N ARG C 19 9.78 -17.58 -39.35
CA ARG C 19 10.22 -17.24 -40.70
C ARG C 19 11.61 -17.78 -40.94
N ALA C 20 12.48 -17.65 -39.93
CA ALA C 20 13.82 -18.22 -40.05
C ALA C 20 13.76 -19.72 -40.29
N ALA C 21 12.84 -20.41 -39.64
CA ALA C 21 12.85 -21.87 -39.70
C ALA C 21 12.37 -22.33 -41.06
N ILE C 22 11.32 -21.67 -41.59
CA ILE C 22 10.90 -21.96 -42.96
C ILE C 22 12.04 -21.68 -43.93
N ALA C 23 12.63 -20.48 -43.84
CA ALA C 23 13.71 -20.11 -44.75
C ALA C 23 14.82 -21.15 -44.73
N ALA C 24 15.12 -21.69 -43.56
CA ALA C 24 16.15 -22.70 -43.47
C ALA C 24 15.70 -24.00 -44.14
N ALA C 25 14.46 -24.41 -43.89
CA ALA C 25 13.93 -25.62 -44.48
C ALA C 25 14.06 -25.57 -45.99
N GLN C 26 13.43 -24.57 -46.63
CA GLN C 26 13.58 -24.37 -48.06
C GLN C 26 15.05 -24.27 -48.50
N ALA C 27 15.88 -23.50 -47.77
CA ALA C 27 17.27 -23.33 -48.17
C ALA C 27 18.01 -24.65 -48.27
N ASN C 28 17.86 -25.54 -47.29
CA ASN C 28 18.48 -26.86 -47.33
C ASN C 28 17.51 -27.93 -46.88
N PRO C 29 16.85 -28.61 -47.82
CA PRO C 29 15.81 -29.57 -47.45
C PRO C 29 16.28 -30.77 -46.62
N ASN C 30 17.59 -31.02 -46.46
CA ASN C 30 18.08 -32.08 -45.57
C ASN C 30 18.42 -31.62 -44.17
N ALA C 31 18.19 -30.36 -43.81
CA ALA C 31 18.68 -29.88 -42.54
C ALA C 31 17.81 -30.39 -41.40
N LYS C 32 18.43 -30.57 -40.25
CA LYS C 32 17.71 -30.83 -39.01
C LYS C 32 17.64 -29.53 -38.23
N ILE C 33 16.46 -28.93 -38.17
CA ILE C 33 16.23 -27.61 -37.59
C ILE C 33 15.45 -27.78 -36.30
N ALA C 34 16.04 -27.37 -35.18
CA ALA C 34 15.34 -27.35 -33.88
C ALA C 34 14.79 -25.95 -33.65
N LEU C 35 13.47 -25.86 -33.50
CA LEU C 35 12.78 -24.59 -33.32
C LEU C 35 12.18 -24.60 -31.92
N ILE C 36 12.68 -23.72 -31.05
CA ILE C 36 12.46 -23.81 -29.60
C ILE C 36 11.71 -22.58 -29.09
N SER C 37 10.80 -22.77 -28.15
CA SER C 37 10.02 -21.68 -27.60
C SER C 37 9.54 -21.98 -26.19
N LYS C 38 9.75 -21.06 -25.27
CA LYS C 38 9.26 -21.31 -23.91
C LYS C 38 7.73 -21.30 -23.81
N VAL C 39 7.01 -20.97 -24.88
CA VAL C 39 5.56 -20.99 -24.90
C VAL C 39 5.10 -21.55 -26.25
N TYR C 40 3.89 -22.07 -26.26
CA TYR C 40 3.27 -22.44 -27.53
C TYR C 40 3.42 -21.29 -28.52
N PRO C 41 4.01 -21.53 -29.70
CA PRO C 41 4.32 -20.44 -30.63
C PRO C 41 3.19 -19.47 -30.92
N MET C 42 1.95 -19.92 -31.05
CA MET C 42 0.86 -18.96 -31.23
C MET C 42 0.67 -18.02 -30.03
N ARG C 43 1.51 -18.12 -29.02
CA ARG C 43 1.39 -17.20 -27.90
C ARG C 43 2.56 -16.24 -27.84
N SER C 44 3.35 -16.16 -28.91
CA SER C 44 4.46 -15.23 -28.93
C SER C 44 3.93 -13.82 -29.02
N HIS C 45 4.70 -12.87 -28.54
CA HIS C 45 4.28 -11.48 -28.54
C HIS C 45 3.81 -11.01 -29.89
N THR C 46 4.28 -11.61 -30.96
CA THR C 46 3.84 -11.21 -32.29
C THR C 46 2.32 -11.29 -32.46
N VAL C 47 1.66 -12.26 -31.82
CA VAL C 47 0.20 -12.39 -32.02
C VAL C 47 -0.52 -11.10 -31.69
N ALA C 48 0.07 -10.26 -30.84
CA ALA C 48 -0.63 -9.09 -30.35
C ALA C 48 -0.58 -7.90 -31.28
N ALA C 49 0.25 -7.93 -32.33
CA ALA C 49 0.41 -6.75 -33.18
C ALA C 49 -0.81 -6.56 -34.06
N GLU C 50 -1.48 -5.41 -33.94
CA GLU C 50 -2.68 -5.14 -34.70
C GLU C 50 -2.41 -4.36 -35.98
N GLY C 51 -1.75 -3.21 -35.86
CA GLY C 51 -1.70 -2.26 -36.95
C GLY C 51 -1.27 -2.84 -38.26
N GLY C 52 -1.71 -2.20 -39.33
CA GLY C 52 -1.45 -2.61 -40.69
C GLY C 52 -2.37 -1.73 -41.51
N HIS C 60 5.33 2.80 -48.25
CA HIS C 60 5.84 1.97 -49.34
C HIS C 60 5.03 2.10 -50.64
N ASP C 61 5.17 3.25 -51.30
CA ASP C 61 4.84 3.41 -52.71
C ASP C 61 6.10 3.56 -53.54
N SER C 62 7.27 3.30 -52.97
CA SER C 62 8.52 3.73 -53.57
C SER C 62 9.68 3.31 -52.69
N PHE C 63 10.62 2.54 -53.24
CA PHE C 63 11.81 2.18 -52.50
C PHE C 63 12.49 3.38 -51.88
N GLU C 64 12.72 4.43 -52.68
CA GLU C 64 13.53 5.54 -52.21
C GLU C 64 12.81 6.31 -51.10
N TYR C 65 11.51 6.56 -51.27
CA TYR C 65 10.78 7.25 -50.22
C TYR C 65 10.78 6.43 -48.94
N HIS C 66 10.56 5.11 -49.05
CA HIS C 66 10.51 4.28 -47.85
C HIS C 66 11.86 4.24 -47.16
N PHE C 67 12.95 4.13 -47.93
CA PHE C 67 14.30 4.22 -47.39
C PHE C 67 14.52 5.55 -46.69
N HIS C 68 14.17 6.66 -47.37
CA HIS C 68 14.37 7.97 -46.79
C HIS C 68 13.54 8.15 -45.51
N ASP C 69 12.35 7.57 -45.45
CA ASP C 69 11.52 7.80 -44.28
C ASP C 69 12.06 7.06 -43.06
N THR C 70 12.58 5.85 -43.24
CA THR C 70 13.02 5.16 -42.05
C THR C 70 14.44 5.57 -41.65
N VAL C 71 15.20 6.17 -42.55
CA VAL C 71 16.45 6.80 -42.11
C VAL C 71 16.17 8.11 -41.37
N ALA C 72 15.27 8.93 -41.88
CA ALA C 72 15.00 10.19 -41.24
C ALA C 72 14.13 9.99 -39.99
N GLY C 73 13.10 9.16 -40.09
CA GLY C 73 12.40 8.82 -38.85
C GLY C 73 13.22 8.03 -37.87
N GLY C 74 14.37 7.52 -38.27
CA GLY C 74 15.30 6.90 -37.37
C GLY C 74 16.33 7.85 -36.85
N ASP C 75 16.17 9.16 -37.18
CA ASP C 75 17.11 10.21 -36.80
C ASP C 75 18.54 9.81 -37.12
N TRP C 76 18.69 9.07 -38.22
CA TRP C 76 19.96 8.86 -38.93
C TRP C 76 20.90 7.93 -38.18
N LEU C 77 20.37 7.06 -37.33
CA LEU C 77 21.18 6.00 -36.72
C LEU C 77 20.91 4.65 -37.37
N CYS C 78 20.52 4.63 -38.65
CA CYS C 78 20.22 3.42 -39.39
C CYS C 78 21.44 2.99 -40.19
N GLU C 79 21.79 1.71 -40.09
CA GLU C 79 22.72 1.15 -41.06
C GLU C 79 22.11 1.22 -42.45
N GLN C 80 22.62 2.12 -43.28
CA GLN C 80 21.86 2.48 -44.47
C GLN C 80 21.86 1.36 -45.51
N ASP C 81 22.92 0.54 -45.56
CA ASP C 81 22.87 -0.62 -46.45
C ASP C 81 21.89 -1.66 -45.94
N VAL C 82 21.64 -1.70 -44.64
CA VAL C 82 20.63 -2.61 -44.12
C VAL C 82 19.25 -2.12 -44.50
N VAL C 83 19.05 -0.80 -44.43
CA VAL C 83 17.76 -0.22 -44.80
C VAL C 83 17.46 -0.47 -46.27
N ASP C 84 18.47 -0.30 -47.10
CA ASP C 84 18.29 -0.51 -48.53
C ASP C 84 17.86 -1.95 -48.80
N TYR C 85 18.60 -2.93 -48.28
CA TYR C 85 18.17 -4.31 -48.39
C TYR C 85 16.75 -4.51 -47.88
N PHE C 86 16.41 -3.83 -46.77
CA PHE C 86 15.10 -4.02 -46.15
C PHE C 86 13.95 -3.56 -47.05
N VAL C 87 13.98 -2.30 -47.52
CA VAL C 87 12.88 -1.81 -48.35
C VAL C 87 12.79 -2.58 -49.65
N HIS C 88 13.92 -3.06 -50.15
CA HIS C 88 13.90 -3.79 -51.41
C HIS C 88 13.41 -5.22 -51.28
N HIS C 89 13.31 -5.78 -50.06
CA HIS C 89 12.81 -7.14 -49.91
C HIS C 89 11.47 -7.22 -49.20
N CYS C 90 10.90 -6.09 -48.78
CA CYS C 90 9.55 -6.14 -48.24
C CYS C 90 8.54 -6.77 -49.19
N PRO C 91 8.39 -6.29 -50.43
CA PRO C 91 7.36 -6.86 -51.31
C PRO C 91 7.45 -8.38 -51.44
N THR C 92 8.67 -8.88 -51.64
CA THR C 92 8.85 -10.31 -51.71
C THR C 92 8.26 -10.97 -50.48
N GLU C 93 8.66 -10.51 -49.31
CA GLU C 93 8.17 -11.16 -48.10
C GLU C 93 6.67 -10.99 -47.97
N MET C 94 6.15 -9.83 -48.36
CA MET C 94 4.69 -9.63 -48.33
C MET C 94 4.00 -10.55 -49.31
N THR C 95 4.54 -10.71 -50.51
CA THR C 95 3.92 -11.62 -51.45
C THR C 95 3.99 -13.04 -50.93
N GLN C 96 5.15 -13.40 -50.36
CA GLN C 96 5.35 -14.74 -49.88
C GLN C 96 4.30 -15.10 -48.83
N LEU C 97 4.00 -14.16 -47.92
CA LEU C 97 2.95 -14.39 -46.93
C LEU C 97 1.59 -14.59 -47.58
N GLU C 98 1.24 -13.76 -48.58
CA GLU C 98 -0.07 -13.89 -49.22
C GLU C 98 -0.21 -15.25 -49.89
N LEU C 99 0.85 -15.71 -50.55
CA LEU C 99 0.78 -17.00 -51.21
C LEU C 99 0.60 -18.11 -50.20
N TRP C 100 1.26 -17.98 -49.05
CA TRP C 100 1.20 -18.95 -47.96
C TRP C 100 -0.12 -18.92 -47.22
N GLY C 101 -1.02 -18.00 -47.53
CA GLY C 101 -2.38 -18.21 -47.11
C GLY C 101 -2.94 -17.03 -46.39
N CYS C 102 -2.08 -16.05 -46.12
CA CYS C 102 -2.49 -14.86 -45.38
C CYS C 102 -3.66 -14.20 -46.10
N PRO C 103 -4.64 -13.64 -45.35
CA PRO C 103 -5.78 -13.00 -46.01
C PRO C 103 -5.53 -11.55 -46.42
N TRP C 104 -5.53 -11.29 -47.72
CA TRP C 104 -5.42 -9.93 -48.26
C TRP C 104 -6.79 -9.41 -48.70
N ASP C 130 -5.62 -6.91 -42.29
CA ASP C 130 -5.08 -7.98 -43.14
C ASP C 130 -3.78 -8.56 -42.58
N LYS C 131 -2.77 -7.71 -42.48
CA LYS C 131 -1.46 -8.06 -41.93
C LYS C 131 -1.33 -7.65 -40.45
N THR C 132 -2.34 -8.00 -39.67
CA THR C 132 -2.18 -8.05 -38.23
C THR C 132 -1.13 -9.10 -37.87
N GLY C 133 -0.62 -9.00 -36.63
CA GLY C 133 0.40 -9.92 -36.19
C GLY C 133 -0.12 -11.33 -36.02
N PHE C 134 -1.40 -11.48 -35.67
CA PHE C 134 -1.97 -12.81 -35.59
C PHE C 134 -1.91 -13.50 -36.95
N HIS C 135 -2.53 -12.90 -37.98
CA HIS C 135 -2.58 -13.51 -39.30
C HIS C 135 -1.19 -13.87 -39.80
N MET C 136 -0.25 -12.94 -39.68
CA MET C 136 1.14 -13.24 -39.97
C MET C 136 1.60 -14.48 -39.22
N LEU C 137 1.53 -14.45 -37.88
CA LEU C 137 2.05 -15.55 -37.09
C LEU C 137 1.32 -16.85 -37.41
N HIS C 138 -0.01 -16.80 -37.50
CA HIS C 138 -0.77 -17.98 -37.85
C HIS C 138 -0.26 -18.61 -39.15
N THR C 139 -0.11 -17.79 -40.20
CA THR C 139 0.37 -18.25 -41.49
C THR C 139 1.73 -18.89 -41.37
N LEU C 140 2.68 -18.18 -40.77
CA LEU C 140 4.00 -18.73 -40.58
C LEU C 140 3.92 -20.09 -39.90
N PHE C 141 3.19 -20.16 -38.79
CA PHE C 141 3.08 -21.40 -38.03
C PHE C 141 2.46 -22.53 -38.85
N GLN C 142 1.35 -22.24 -39.54
CA GLN C 142 0.75 -23.27 -40.38
C GLN C 142 1.71 -23.71 -41.46
N THR C 143 2.49 -22.80 -42.01
CA THR C 143 3.43 -23.16 -43.07
C THR C 143 4.54 -24.04 -42.53
N SER C 144 4.98 -23.74 -41.32
CA SER C 144 6.09 -24.49 -40.74
C SER C 144 5.75 -25.97 -40.59
N LEU C 145 4.46 -26.30 -40.40
CA LEU C 145 4.06 -27.69 -40.19
C LEU C 145 4.24 -28.57 -41.43
N GLN C 146 4.39 -27.99 -42.61
CA GLN C 146 4.68 -28.78 -43.79
C GLN C 146 6.16 -29.10 -43.95
N PHE C 147 7.03 -28.76 -43.01
CA PHE C 147 8.43 -29.06 -43.23
C PHE C 147 8.93 -30.07 -42.20
N PRO C 148 9.15 -31.33 -42.56
CA PRO C 148 9.63 -32.28 -41.55
C PRO C 148 10.97 -31.87 -40.96
N GLN C 149 11.73 -31.04 -41.68
CA GLN C 149 13.02 -30.57 -41.20
C GLN C 149 12.92 -29.79 -39.91
N ILE C 150 11.74 -29.23 -39.62
CA ILE C 150 11.54 -28.35 -38.48
C ILE C 150 10.98 -29.18 -37.34
N GLN C 151 11.83 -29.47 -36.35
CA GLN C 151 11.42 -30.18 -35.14
C GLN C 151 11.25 -29.17 -34.02
N ARG C 152 10.03 -29.04 -33.53
CA ARG C 152 9.77 -28.02 -32.52
C ARG C 152 10.00 -28.56 -31.12
N PHE C 153 10.40 -27.66 -30.26
CA PHE C 153 10.53 -27.93 -28.85
C PHE C 153 9.68 -26.88 -28.13
N ASP C 154 8.37 -27.04 -28.19
CA ASP C 154 7.48 -26.14 -27.47
C ASP C 154 7.70 -26.24 -25.96
N GLU C 155 7.30 -25.19 -25.25
CA GLU C 155 7.49 -25.07 -23.80
C GLU C 155 8.85 -25.61 -23.37
N HIS C 156 9.89 -25.16 -24.07
CA HIS C 156 11.28 -25.40 -23.72
C HIS C 156 11.95 -24.05 -23.45
N PHE C 157 12.68 -23.97 -22.36
CA PHE C 157 13.32 -22.74 -21.93
C PHE C 157 14.81 -22.88 -22.18
N VAL C 158 15.36 -22.02 -23.01
CA VAL C 158 16.79 -22.09 -23.33
C VAL C 158 17.55 -21.36 -22.24
N LEU C 159 18.47 -22.06 -21.57
CA LEU C 159 19.18 -21.52 -20.43
C LEU C 159 20.50 -20.89 -20.80
N ASP C 160 21.14 -21.37 -21.86
CA ASP C 160 22.43 -20.85 -22.30
C ASP C 160 22.81 -21.50 -23.61
N ILE C 161 23.70 -20.83 -24.33
CA ILE C 161 24.21 -21.33 -25.58
C ILE C 161 25.62 -21.85 -25.31
N LEU C 162 26.10 -22.71 -26.19
CA LEU C 162 27.38 -23.36 -26.02
C LEU C 162 28.34 -22.80 -27.05
N VAL C 163 29.47 -22.26 -26.59
CA VAL C 163 30.38 -21.50 -27.44
C VAL C 163 31.80 -21.92 -27.12
N ASP C 164 32.57 -22.23 -28.17
CA ASP C 164 33.92 -22.70 -27.99
C ASP C 164 34.77 -22.31 -29.19
N ASP C 165 35.91 -21.68 -28.93
CA ASP C 165 36.81 -21.18 -29.97
C ASP C 165 36.11 -20.18 -30.89
N GLY C 166 35.29 -19.30 -30.32
CA GLY C 166 34.66 -18.26 -31.11
C GLY C 166 33.53 -18.71 -32.02
N HIS C 167 33.15 -19.98 -32.00
CA HIS C 167 32.03 -20.50 -32.77
C HIS C 167 30.98 -21.03 -31.81
N VAL C 168 29.70 -20.90 -32.18
CA VAL C 168 28.62 -21.46 -31.36
C VAL C 168 28.47 -22.90 -31.76
N ARG C 169 28.17 -23.75 -30.79
CA ARG C 169 28.09 -25.18 -31.03
C ARG C 169 26.82 -25.80 -30.45
N GLY C 170 25.99 -25.02 -29.75
CA GLY C 170 24.67 -25.50 -29.46
C GLY C 170 24.07 -24.73 -28.31
N LEU C 171 23.14 -25.37 -27.64
CA LEU C 171 22.53 -24.71 -26.50
C LEU C 171 22.06 -25.78 -25.53
N VAL C 172 21.67 -25.33 -24.33
CA VAL C 172 21.04 -26.18 -23.34
C VAL C 172 19.66 -25.63 -23.07
N ALA C 173 18.68 -26.51 -22.98
CA ALA C 173 17.32 -26.11 -22.71
C ALA C 173 16.74 -26.98 -21.61
N MET C 174 15.59 -26.57 -21.13
CA MET C 174 14.88 -27.25 -20.07
C MET C 174 13.52 -27.59 -20.60
N ASN C 175 13.22 -28.88 -20.65
CA ASN C 175 11.90 -29.34 -21.04
C ASN C 175 10.98 -29.09 -19.87
N MET C 176 9.92 -28.32 -20.07
CA MET C 176 9.23 -27.82 -18.89
C MET C 176 8.04 -28.68 -18.44
N MET C 177 7.32 -29.32 -19.35
CA MET C 177 6.29 -30.25 -18.89
C MET C 177 6.87 -31.65 -18.66
N GLU C 178 8.15 -31.73 -18.25
CA GLU C 178 8.84 -32.99 -18.01
C GLU C 178 10.02 -32.78 -17.04
N GLY C 179 10.48 -31.55 -16.85
CA GLY C 179 11.54 -31.26 -15.89
C GLY C 179 12.95 -31.65 -16.29
N THR C 180 13.15 -32.35 -17.41
CA THR C 180 14.49 -32.74 -17.81
C THR C 180 15.24 -31.57 -18.47
N LEU C 181 16.55 -31.77 -18.66
CA LEU C 181 17.37 -30.89 -19.49
C LEU C 181 17.79 -31.60 -20.78
N VAL C 182 17.89 -30.83 -21.85
CA VAL C 182 18.28 -31.34 -23.15
C VAL C 182 19.34 -30.44 -23.74
N GLN C 183 20.37 -31.05 -24.31
CA GLN C 183 21.40 -30.33 -25.03
C GLN C 183 21.13 -30.53 -26.51
N ILE C 184 21.10 -29.43 -27.25
CA ILE C 184 20.78 -29.44 -28.67
C ILE C 184 22.05 -29.03 -29.39
N ARG C 185 22.75 -30.00 -29.96
CA ARG C 185 23.93 -29.66 -30.74
C ARG C 185 23.50 -28.99 -32.04
N ALA C 186 24.15 -27.88 -32.38
CA ALA C 186 23.93 -27.28 -33.68
C ALA C 186 25.11 -26.37 -34.01
N ASN C 187 25.41 -26.27 -35.29
CA ASN C 187 26.57 -25.49 -35.73
C ASN C 187 26.20 -24.07 -36.11
N ALA C 188 24.93 -23.72 -36.04
CA ALA C 188 24.51 -22.34 -36.16
C ALA C 188 23.30 -22.21 -35.26
N VAL C 189 23.19 -21.06 -34.59
CA VAL C 189 22.08 -20.76 -33.68
C VAL C 189 21.53 -19.39 -34.06
N VAL C 190 20.22 -19.29 -34.14
CA VAL C 190 19.55 -18.02 -34.42
C VAL C 190 18.76 -17.66 -33.18
N MET C 191 19.04 -16.47 -32.60
CA MET C 191 18.22 -15.94 -31.52
C MET C 191 17.12 -15.05 -32.07
N ALA C 192 15.88 -15.31 -31.63
CA ALA C 192 14.69 -14.63 -32.07
C ALA C 192 13.75 -14.54 -30.88
N THR C 193 14.22 -13.99 -29.77
CA THR C 193 13.51 -14.09 -28.50
C THR C 193 12.65 -12.86 -28.16
N GLY C 194 12.64 -11.81 -28.99
CA GLY C 194 11.77 -10.67 -28.73
C GLY C 194 12.45 -9.55 -27.95
N GLY C 195 11.66 -8.56 -27.54
CA GLY C 195 12.23 -7.39 -26.92
C GLY C 195 12.50 -7.53 -25.42
N ALA C 196 12.85 -6.41 -24.80
CA ALA C 196 13.11 -6.37 -23.37
C ALA C 196 12.13 -5.45 -22.64
N GLY C 197 10.91 -5.30 -23.17
CA GLY C 197 9.94 -4.41 -22.56
C GLY C 197 9.72 -4.61 -21.06
N ARG C 198 9.84 -5.85 -20.56
CA ARG C 198 9.44 -6.12 -19.20
C ARG C 198 10.42 -5.61 -18.16
N VAL C 199 11.54 -5.01 -18.56
CA VAL C 199 12.35 -4.27 -17.60
C VAL C 199 11.67 -2.97 -17.17
N TYR C 200 10.76 -2.43 -17.97
CA TYR C 200 10.01 -1.27 -17.51
C TYR C 200 8.84 -1.74 -16.67
N ARG C 201 8.59 -1.01 -15.59
CA ARG C 201 7.48 -1.36 -14.72
C ARG C 201 6.15 -1.32 -15.48
N TYR C 202 5.89 -0.28 -16.25
CA TYR C 202 4.69 -0.22 -17.07
C TYR C 202 5.06 -0.40 -18.53
N ASN C 203 4.49 -1.42 -19.19
CA ASN C 203 4.86 -1.71 -20.57
C ASN C 203 3.66 -2.30 -21.31
N THR C 204 3.70 -2.21 -22.63
CA THR C 204 2.68 -2.85 -23.45
C THR C 204 2.89 -4.35 -23.62
N ASN C 205 4.04 -4.90 -23.24
CA ASN C 205 4.43 -6.24 -23.67
C ASN C 205 3.88 -7.32 -22.74
N GLY C 206 3.52 -8.47 -23.33
CA GLY C 206 3.13 -9.61 -22.52
C GLY C 206 4.27 -10.08 -21.64
N GLY C 207 3.91 -10.76 -20.55
CA GLY C 207 4.81 -11.00 -19.45
C GLY C 207 6.06 -11.79 -19.80
N ILE C 208 6.05 -12.49 -20.93
CA ILE C 208 7.17 -13.34 -21.35
C ILE C 208 8.25 -12.61 -22.14
N VAL C 209 8.16 -11.28 -22.27
CA VAL C 209 9.09 -10.53 -23.11
C VAL C 209 10.20 -9.97 -22.21
N THR C 210 11.11 -10.85 -21.80
CA THR C 210 11.99 -10.58 -20.68
C THR C 210 13.45 -10.37 -21.06
N GLY C 211 13.77 -10.28 -22.35
CA GLY C 211 15.15 -10.05 -22.74
C GLY C 211 16.09 -11.25 -22.64
N ASP C 212 15.56 -12.48 -22.60
CA ASP C 212 16.43 -13.63 -22.31
C ASP C 212 17.56 -13.75 -23.34
N GLY C 213 17.22 -13.76 -24.63
CA GLY C 213 18.25 -13.91 -25.65
C GLY C 213 19.28 -12.80 -25.61
N MET C 214 18.82 -11.57 -25.38
CA MET C 214 19.77 -10.49 -25.17
C MET C 214 20.68 -10.82 -24.01
N GLY C 215 20.08 -11.22 -22.89
CA GLY C 215 20.87 -11.65 -21.75
C GLY C 215 21.89 -12.71 -22.11
N MET C 216 21.45 -13.72 -22.87
CA MET C 216 22.34 -14.82 -23.21
C MET C 216 23.50 -14.38 -24.08
N ALA C 217 23.28 -13.42 -24.97
CA ALA C 217 24.38 -12.93 -25.79
C ALA C 217 25.41 -12.19 -24.94
N LEU C 218 24.96 -11.27 -24.08
CA LEU C 218 25.88 -10.59 -23.17
C LEU C 218 26.83 -11.57 -22.46
N SER C 219 26.26 -12.57 -21.76
CA SER C 219 27.07 -13.52 -21.00
C SER C 219 28.18 -14.15 -21.80
N HIS C 220 28.14 -14.07 -23.14
CA HIS C 220 29.17 -14.60 -24.01
C HIS C 220 29.89 -13.49 -24.76
N GLY C 221 29.83 -12.27 -24.24
CA GLY C 221 30.68 -11.22 -24.77
C GLY C 221 30.24 -10.65 -26.09
N VAL C 222 29.04 -10.97 -26.55
CA VAL C 222 28.45 -10.21 -27.64
C VAL C 222 27.91 -8.91 -27.04
N PRO C 223 28.05 -7.78 -27.71
CA PRO C 223 27.49 -6.54 -27.17
C PRO C 223 26.04 -6.35 -27.58
N LEU C 224 25.29 -5.71 -26.70
CA LEU C 224 24.02 -5.12 -27.08
C LEU C 224 24.26 -3.74 -27.69
N ARG C 225 23.57 -3.47 -28.81
CA ARG C 225 23.69 -2.22 -29.54
C ARG C 225 22.47 -1.33 -29.35
N ASP C 226 22.71 -0.01 -29.23
CA ASP C 226 21.68 1.05 -29.13
C ASP C 226 20.57 0.77 -28.11
N MET C 227 20.91 0.23 -26.95
CA MET C 227 19.88 -0.05 -25.96
C MET C 227 19.25 1.22 -25.35
N GLU C 228 19.82 2.42 -25.55
CA GLU C 228 19.17 3.66 -25.11
C GLU C 228 17.80 3.82 -25.72
N PHE C 229 17.61 3.31 -26.92
CA PHE C 229 16.55 3.80 -27.77
C PHE C 229 15.35 2.87 -27.55
N VAL C 230 14.52 3.26 -26.60
CA VAL C 230 13.34 2.51 -26.19
C VAL C 230 12.12 3.33 -26.58
N GLN C 231 11.30 2.81 -27.47
CA GLN C 231 10.16 3.56 -27.94
C GLN C 231 9.03 3.48 -26.93
N TYR C 232 8.49 4.63 -26.57
CA TYR C 232 7.25 4.72 -25.81
C TYR C 232 6.07 4.83 -26.76
N HIS C 233 5.08 3.96 -26.59
CA HIS C 233 3.86 4.19 -27.34
C HIS C 233 3.01 5.23 -26.60
N PRO C 234 2.43 6.20 -27.30
CA PRO C 234 1.79 7.34 -26.61
C PRO C 234 0.42 7.07 -25.98
N THR C 235 -0.28 5.95 -26.25
CA THR C 235 -1.62 5.76 -25.72
C THR C 235 -1.76 4.39 -25.04
N GLY C 236 -1.12 4.24 -23.89
CA GLY C 236 -1.28 3.07 -23.04
C GLY C 236 -2.16 3.41 -21.85
N LEU C 237 -2.88 2.42 -21.34
CA LEU C 237 -3.73 2.67 -20.18
C LEU C 237 -2.84 2.87 -18.95
N PRO C 238 -3.19 3.79 -18.07
CA PRO C 238 -2.36 4.02 -16.89
C PRO C 238 -2.40 2.81 -15.97
N GLY C 239 -1.35 2.68 -15.15
CA GLY C 239 -1.26 1.58 -14.20
C GLY C 239 -1.06 0.21 -14.82
N SER C 240 -1.76 -0.08 -15.91
CA SER C 240 -1.73 -1.40 -16.52
C SER C 240 -0.77 -1.50 -17.71
N GLY C 241 -0.67 -0.45 -18.52
CA GLY C 241 0.15 -0.47 -19.71
C GLY C 241 -0.52 -1.02 -20.94
N ILE C 242 -1.76 -1.51 -20.82
CA ILE C 242 -2.45 -2.03 -21.99
C ILE C 242 -2.56 -0.95 -23.05
N LEU C 243 -2.13 -1.27 -24.25
CA LEU C 243 -2.03 -0.28 -25.31
C LEU C 243 -3.37 -0.09 -26.00
N MET C 244 -3.92 1.12 -25.93
CA MET C 244 -4.97 1.47 -26.88
C MET C 244 -4.36 1.64 -28.25
N THR C 245 -4.92 0.97 -29.23
CA THR C 245 -4.26 0.87 -30.51
C THR C 245 -4.28 2.20 -31.27
N GLU C 246 -3.25 2.40 -32.09
CA GLU C 246 -3.19 3.55 -32.98
C GLU C 246 -4.49 3.77 -33.75
N GLY C 247 -5.19 2.69 -34.11
CA GLY C 247 -6.44 2.84 -34.85
C GLY C 247 -7.46 3.76 -34.21
N CYS C 248 -7.47 3.84 -32.86
CA CYS C 248 -8.35 4.77 -32.16
C CYS C 248 -8.18 6.19 -32.68
N ARG C 249 -6.93 6.58 -32.92
CA ARG C 249 -6.62 7.90 -33.45
C ARG C 249 -6.99 8.03 -34.92
N GLY C 250 -6.90 6.93 -35.69
CA GLY C 250 -7.23 7.00 -37.12
C GLY C 250 -8.72 7.07 -37.38
N GLU C 251 -9.52 6.47 -36.52
CA GLU C 251 -10.96 6.65 -36.56
C GLU C 251 -11.41 7.99 -35.97
N GLY C 252 -10.46 8.89 -35.65
CA GLY C 252 -10.77 10.26 -35.31
C GLY C 252 -10.46 10.70 -33.89
N GLY C 253 -10.04 9.82 -32.99
CA GLY C 253 -9.87 10.21 -31.60
C GLY C 253 -8.79 11.27 -31.42
N ILE C 254 -8.93 12.07 -30.36
CA ILE C 254 -8.04 13.21 -30.14
C ILE C 254 -7.34 13.04 -28.81
N LEU C 255 -6.28 13.84 -28.61
CA LEU C 255 -5.50 13.80 -27.38
C LEU C 255 -5.59 15.18 -26.75
N VAL C 256 -6.08 15.24 -25.51
CA VAL C 256 -6.33 16.53 -24.87
C VAL C 256 -5.83 16.50 -23.44
N ASN C 257 -5.43 17.68 -22.95
CA ASN C 257 -4.97 17.89 -21.58
C ASN C 257 -6.16 18.27 -20.70
N LYS C 258 -5.89 18.76 -19.49
CA LYS C 258 -6.97 19.11 -18.56
C LYS C 258 -7.90 20.18 -19.11
N ASN C 259 -7.42 21.00 -20.03
CA ASN C 259 -8.21 22.10 -20.57
C ASN C 259 -8.97 21.73 -21.83
N GLY C 260 -9.04 20.44 -22.17
CA GLY C 260 -9.67 20.07 -23.44
C GLY C 260 -8.90 20.48 -24.68
N TYR C 261 -7.66 20.92 -24.52
CA TYR C 261 -6.88 21.42 -25.64
C TYR C 261 -6.22 20.26 -26.37
N ARG C 262 -6.46 20.16 -27.68
CA ARG C 262 -5.69 19.28 -28.54
C ARG C 262 -4.30 19.88 -28.69
N TYR C 263 -3.48 19.64 -27.66
CA TYR C 263 -2.17 20.26 -27.45
C TYR C 263 -1.12 19.92 -28.51
N LEU C 264 -1.34 18.92 -29.38
CA LEU C 264 -0.24 18.44 -30.20
C LEU C 264 0.27 19.50 -31.19
N GLN C 265 -0.57 20.46 -31.58
CA GLN C 265 -0.11 21.57 -32.39
C GLN C 265 1.06 22.35 -31.75
N ASP C 266 1.09 22.46 -30.43
CA ASP C 266 2.15 23.24 -29.81
C ASP C 266 3.52 22.62 -30.01
N TYR C 267 3.63 21.47 -30.68
CA TYR C 267 4.93 20.80 -30.83
C TYR C 267 5.10 20.33 -32.28
N GLY C 268 5.09 21.28 -33.20
CA GLY C 268 5.51 21.04 -34.56
C GLY C 268 4.74 19.97 -35.32
N MET C 269 3.68 19.42 -34.72
CA MET C 269 2.84 18.48 -35.48
C MET C 269 1.63 19.22 -36.07
N GLY C 270 1.98 20.29 -36.79
CA GLY C 270 1.18 20.84 -37.86
C GLY C 270 -0.06 21.56 -37.38
N PRO C 271 -0.73 22.25 -38.29
CA PRO C 271 -2.00 22.89 -37.94
C PRO C 271 -2.99 21.88 -37.37
N GLU C 272 -3.95 22.38 -36.62
CA GLU C 272 -4.93 21.49 -36.03
C GLU C 272 -5.89 21.02 -37.11
N THR C 273 -5.92 19.70 -37.35
CA THR C 273 -6.88 19.13 -38.28
C THR C 273 -8.27 19.13 -37.64
N PRO C 274 -9.33 19.16 -38.44
CA PRO C 274 -10.68 19.28 -37.86
C PRO C 274 -11.11 18.00 -37.17
N LEU C 275 -12.13 18.14 -36.32
CA LEU C 275 -12.71 16.99 -35.64
C LEU C 275 -13.20 15.98 -36.68
N GLY C 276 -13.05 14.69 -36.36
CA GLY C 276 -13.54 13.62 -37.21
C GLY C 276 -13.05 13.65 -38.64
N GLU C 277 -11.93 14.33 -38.92
CA GLU C 277 -11.36 14.41 -40.26
C GLU C 277 -9.84 14.35 -40.19
N PRO C 278 -9.26 13.21 -39.68
CA PRO C 278 -7.80 13.14 -39.46
C PRO C 278 -6.95 13.16 -40.72
N LYS C 279 -5.61 13.06 -40.56
CA LYS C 279 -4.66 13.25 -41.65
C LYS C 279 -3.24 12.91 -41.19
N ASN C 280 -2.64 11.86 -41.76
CA ASN C 280 -1.45 11.26 -41.17
C ASN C 280 -0.26 12.23 -41.19
N LYS C 281 0.71 11.93 -40.32
CA LYS C 281 1.91 12.73 -40.10
C LYS C 281 1.60 14.03 -39.36
N TYR C 282 0.31 14.36 -39.23
CA TYR C 282 -0.14 15.53 -38.49
C TYR C 282 -0.86 15.14 -37.20
N MET C 283 -0.69 15.96 -36.15
CA MET C 283 -1.49 15.97 -34.91
C MET C 283 -1.50 14.59 -34.26
N GLU C 284 -2.65 14.04 -33.88
CA GLU C 284 -2.72 12.72 -33.25
C GLU C 284 -2.16 11.58 -34.10
N LEU C 285 -1.88 11.79 -35.39
CA LEU C 285 -1.25 10.77 -36.22
C LEU C 285 0.22 11.03 -36.44
N GLY C 286 0.78 12.04 -35.78
CA GLY C 286 2.18 12.36 -35.90
C GLY C 286 3.09 11.25 -35.40
N PRO C 287 4.39 11.44 -35.59
CA PRO C 287 5.36 10.42 -35.19
C PRO C 287 5.19 10.02 -33.74
N ARG C 288 5.42 8.75 -33.44
CA ARG C 288 5.15 8.29 -32.09
C ARG C 288 6.05 9.00 -31.08
N ASP C 289 7.32 9.18 -31.40
CA ASP C 289 8.22 9.70 -30.38
C ASP C 289 7.92 11.16 -30.08
N LYS C 290 7.43 11.92 -31.06
CA LYS C 290 7.12 13.32 -30.82
C LYS C 290 5.80 13.46 -30.07
N VAL C 291 4.83 12.60 -30.35
CA VAL C 291 3.58 12.59 -29.59
C VAL C 291 3.82 12.12 -28.16
N SER C 292 4.67 11.11 -27.97
CA SER C 292 5.02 10.71 -26.62
C SER C 292 5.79 11.81 -25.93
N GLN C 293 6.68 12.47 -26.65
CA GLN C 293 7.40 13.59 -26.05
C GLN C 293 6.46 14.70 -25.66
N ALA C 294 5.48 15.01 -26.51
CA ALA C 294 4.57 16.11 -26.20
C ALA C 294 3.96 15.94 -24.81
N PHE C 295 3.68 14.69 -24.43
CA PHE C 295 3.07 14.42 -23.13
C PHE C 295 3.89 14.97 -21.99
N TRP C 296 5.20 14.75 -22.00
CA TRP C 296 6.04 15.20 -20.90
C TRP C 296 6.09 16.73 -20.83
N HIS C 297 5.91 17.41 -21.97
CA HIS C 297 5.87 18.87 -21.91
C HIS C 297 4.58 19.35 -21.26
N GLU C 298 3.43 18.83 -21.71
CA GLU C 298 2.17 19.05 -21.02
C GLU C 298 2.32 18.85 -19.53
N TRP C 299 2.81 17.67 -19.14
CA TRP C 299 3.12 17.43 -17.75
C TRP C 299 3.93 18.56 -17.16
N ARG C 300 4.97 18.99 -17.88
CA ARG C 300 5.90 19.97 -17.33
C ARG C 300 5.22 21.33 -17.18
N LYS C 301 4.33 21.68 -18.11
CA LYS C 301 3.55 22.91 -18.01
C LYS C 301 2.38 22.79 -17.05
N GLY C 302 2.21 21.64 -16.40
CA GLY C 302 1.15 21.47 -15.44
C GLY C 302 -0.20 21.06 -16.00
N ASN C 303 -0.24 20.46 -17.19
CA ASN C 303 -1.50 20.25 -17.90
C ASN C 303 -1.99 18.81 -17.88
N THR C 304 -1.32 17.89 -17.19
CA THR C 304 -1.86 16.55 -17.06
C THR C 304 -2.90 16.51 -15.94
N ILE C 305 -3.52 15.36 -15.77
CA ILE C 305 -4.56 15.14 -14.77
C ILE C 305 -4.00 14.16 -13.76
N SER C 306 -3.79 14.61 -12.52
CA SER C 306 -3.38 13.68 -11.48
C SER C 306 -4.46 12.61 -11.32
N THR C 307 -4.02 11.36 -11.24
CA THR C 307 -4.91 10.21 -11.17
C THR C 307 -4.27 9.20 -10.24
N PRO C 308 -5.06 8.42 -9.50
CA PRO C 308 -4.47 7.50 -8.52
C PRO C 308 -3.50 6.52 -9.14
N ARG C 309 -3.71 6.19 -10.41
CA ARG C 309 -2.79 5.39 -11.22
C ARG C 309 -1.75 6.24 -11.96
N GLY C 310 -1.71 7.57 -11.75
CA GLY C 310 -0.61 8.41 -12.18
C GLY C 310 -1.06 9.56 -13.05
N ASP C 311 -0.07 10.29 -13.59
CA ASP C 311 -0.32 11.40 -14.51
C ASP C 311 -0.71 10.88 -15.92
N VAL C 312 -1.58 11.64 -16.59
CA VAL C 312 -2.45 11.10 -17.62
C VAL C 312 -2.88 12.24 -18.54
N VAL C 313 -3.19 11.92 -19.79
CA VAL C 313 -3.97 12.79 -20.67
C VAL C 313 -5.16 11.99 -21.15
N TYR C 314 -6.06 12.65 -21.88
CA TYR C 314 -7.30 12.02 -22.27
C TYR C 314 -7.31 11.75 -23.76
N LEU C 315 -7.64 10.51 -24.11
CA LEU C 315 -7.98 10.12 -25.46
C LEU C 315 -9.50 10.14 -25.59
N ASP C 316 -10.01 11.13 -26.30
CA ASP C 316 -11.44 11.36 -26.46
C ASP C 316 -11.93 10.70 -27.73
N LEU C 317 -12.87 9.77 -27.58
CA LEU C 317 -13.55 9.16 -28.72
C LEU C 317 -15.03 9.50 -28.73
N ARG C 318 -15.46 10.39 -27.83
CA ARG C 318 -16.88 10.72 -27.67
C ARG C 318 -17.55 11.08 -29.00
N HIS C 319 -16.85 11.80 -29.85
CA HIS C 319 -17.46 12.38 -31.04
C HIS C 319 -17.55 11.40 -32.20
N LEU C 320 -17.85 10.14 -31.95
CA LEU C 320 -18.06 9.20 -33.05
C LEU C 320 -19.28 8.30 -32.86
N GLY C 321 -19.91 8.30 -31.68
CA GLY C 321 -21.13 7.54 -31.46
C GLY C 321 -20.98 6.04 -31.38
N GLU C 322 -21.81 5.40 -30.55
CA GLU C 322 -21.75 3.96 -30.36
C GLU C 322 -21.78 3.19 -31.68
N LYS C 323 -22.34 3.78 -32.73
CA LYS C 323 -22.28 3.17 -34.06
C LYS C 323 -20.84 2.95 -34.46
N LYS C 324 -20.15 4.01 -34.90
CA LYS C 324 -18.78 3.86 -35.40
C LYS C 324 -17.90 3.15 -34.38
N LEU C 325 -18.16 3.35 -33.09
CA LEU C 325 -17.33 2.77 -32.05
C LEU C 325 -17.49 1.25 -31.99
N HIS C 326 -18.71 0.76 -31.89
CA HIS C 326 -18.93 -0.68 -31.95
C HIS C 326 -18.68 -1.22 -33.35
N GLU C 327 -18.83 -0.37 -34.38
CA GLU C 327 -18.40 -0.70 -35.73
C GLU C 327 -16.89 -0.90 -35.77
N ARG C 328 -16.16 0.06 -36.32
CA ARG C 328 -14.71 -0.03 -36.29
C ARG C 328 -14.21 0.16 -34.86
N LEU C 329 -13.04 -0.43 -34.55
CA LEU C 329 -12.45 -0.38 -33.21
C LEU C 329 -13.45 -0.79 -32.13
N PRO C 330 -13.78 -2.12 -31.99
CA PRO C 330 -14.86 -2.52 -31.08
C PRO C 330 -14.41 -3.07 -29.72
N PHE C 331 -13.24 -3.72 -29.65
CA PHE C 331 -12.73 -4.13 -28.35
C PHE C 331 -12.50 -2.94 -27.44
N ILE C 332 -12.04 -1.81 -28.01
CA ILE C 332 -11.58 -0.65 -27.25
C ILE C 332 -12.57 -0.26 -26.16
N CYS C 333 -13.87 -0.32 -26.48
CA CYS C 333 -14.90 0.05 -25.50
C CYS C 333 -14.87 -0.89 -24.29
N GLU C 334 -15.15 -2.18 -24.52
CA GLU C 334 -15.13 -3.15 -23.41
C GLU C 334 -13.76 -3.22 -22.77
N LEU C 335 -12.72 -2.99 -23.58
CA LEU C 335 -11.35 -2.83 -23.10
C LEU C 335 -11.26 -1.73 -22.04
N ALA C 336 -11.67 -0.51 -22.41
CA ALA C 336 -11.58 0.60 -21.48
C ALA C 336 -12.41 0.34 -20.22
N LYS C 337 -13.62 -0.21 -20.39
CA LYS C 337 -14.44 -0.53 -19.23
C LYS C 337 -13.74 -1.54 -18.34
N ALA C 338 -13.04 -2.50 -18.94
CA ALA C 338 -12.44 -3.56 -18.15
C ALA C 338 -11.14 -3.17 -17.46
N TYR C 339 -10.56 -1.99 -17.72
CA TYR C 339 -9.25 -1.70 -17.17
C TYR C 339 -9.16 -0.30 -16.58
N VAL C 340 -9.54 0.74 -17.33
CA VAL C 340 -9.71 2.04 -16.69
C VAL C 340 -11.09 2.19 -16.08
N GLY C 341 -12.02 1.29 -16.39
CA GLY C 341 -13.39 1.42 -15.92
C GLY C 341 -14.04 2.66 -16.50
N VAL C 342 -14.06 2.75 -17.82
CA VAL C 342 -14.51 3.95 -18.52
C VAL C 342 -15.23 3.52 -19.79
N ASP C 343 -16.36 4.17 -20.08
CA ASP C 343 -17.03 3.97 -21.36
C ASP C 343 -16.62 5.08 -22.31
N PRO C 344 -15.92 4.77 -23.41
CA PRO C 344 -15.53 5.83 -24.37
C PRO C 344 -16.69 6.62 -24.92
N VAL C 345 -17.90 6.08 -24.89
CA VAL C 345 -19.07 6.80 -25.42
C VAL C 345 -19.44 7.97 -24.51
N LYS C 346 -19.34 7.78 -23.20
CA LYS C 346 -19.66 8.83 -22.24
C LYS C 346 -18.43 9.66 -21.88
N GLU C 347 -17.34 8.99 -21.52
CA GLU C 347 -16.13 9.61 -21.00
C GLU C 347 -14.96 9.42 -21.96
N PRO C 348 -13.96 10.29 -21.90
CA PRO C 348 -12.73 10.04 -22.65
C PRO C 348 -11.87 9.07 -21.87
N ILE C 349 -10.90 8.49 -22.55
CA ILE C 349 -10.07 7.43 -21.97
C ILE C 349 -8.81 8.04 -21.41
N PRO C 350 -8.46 7.76 -20.15
CA PRO C 350 -7.14 8.15 -19.63
C PRO C 350 -6.04 7.36 -20.32
N VAL C 351 -4.97 8.04 -20.71
CA VAL C 351 -3.87 7.41 -21.44
C VAL C 351 -2.60 8.13 -21.09
N ARG C 352 -1.49 7.45 -21.36
CA ARG C 352 -0.20 7.66 -20.72
C ARG C 352 0.85 7.02 -21.62
N PRO C 353 1.99 7.67 -21.86
CA PRO C 353 3.01 7.04 -22.71
C PRO C 353 3.65 5.85 -22.00
N THR C 354 3.82 4.75 -22.74
CA THR C 354 4.14 3.43 -22.19
C THR C 354 5.30 2.79 -22.95
N ALA C 355 6.33 2.37 -22.20
CA ALA C 355 7.42 1.60 -22.80
C ALA C 355 6.88 0.48 -23.69
N HIS C 356 7.45 0.35 -24.88
CA HIS C 356 6.74 -0.41 -25.91
C HIS C 356 7.68 -1.29 -26.72
N TYR C 357 8.65 -0.68 -27.38
CA TYR C 357 9.51 -1.36 -28.34
C TYR C 357 10.97 -1.14 -27.96
N THR C 358 11.76 -2.21 -28.02
CA THR C 358 13.22 -2.17 -27.83
C THR C 358 13.87 -2.03 -29.20
N MET C 359 14.28 -0.82 -29.57
CA MET C 359 14.94 -0.61 -30.86
C MET C 359 16.32 -1.24 -30.88
N GLY C 360 17.01 -1.25 -29.77
CA GLY C 360 18.30 -1.88 -29.75
C GLY C 360 18.19 -3.37 -29.49
N GLY C 361 19.34 -4.03 -29.44
CA GLY C 361 19.36 -5.46 -29.21
C GLY C 361 20.73 -6.00 -29.56
N ILE C 362 20.78 -7.34 -29.69
CA ILE C 362 22.04 -7.98 -30.06
C ILE C 362 22.58 -7.41 -31.36
N GLU C 363 23.85 -7.00 -31.32
CA GLU C 363 24.50 -6.44 -32.47
C GLU C 363 24.67 -7.52 -33.54
N THR C 364 24.37 -7.17 -34.81
CA THR C 364 24.58 -8.06 -35.95
C THR C 364 25.14 -7.28 -37.14
N ASP C 365 25.69 -8.02 -38.09
CA ASP C 365 26.15 -7.42 -39.32
C ASP C 365 25.00 -7.41 -40.33
N GLN C 366 25.32 -7.13 -41.59
CA GLN C 366 24.30 -7.12 -42.63
C GLN C 366 23.66 -8.49 -42.83
N ASN C 367 24.29 -9.58 -42.40
CA ASN C 367 23.70 -10.91 -42.54
C ASN C 367 23.09 -11.42 -41.26
N CYS C 368 22.91 -10.57 -40.25
CA CYS C 368 22.35 -10.94 -38.94
C CYS C 368 23.31 -11.75 -38.07
N GLU C 369 24.61 -11.73 -38.39
CA GLU C 369 25.56 -12.52 -37.63
C GLU C 369 26.20 -11.72 -36.50
N THR C 370 26.18 -12.31 -35.31
CA THR C 370 26.84 -11.74 -34.17
C THR C 370 28.34 -11.90 -34.31
N ARG C 371 29.07 -11.44 -33.29
CA ARG C 371 30.51 -11.63 -33.28
C ARG C 371 30.90 -13.07 -33.04
N ILE C 372 30.04 -13.88 -32.44
CA ILE C 372 30.31 -15.31 -32.33
C ILE C 372 29.95 -15.97 -33.65
N LYS C 373 30.92 -16.60 -34.30
CA LYS C 373 30.68 -17.20 -35.61
C LYS C 373 29.56 -18.24 -35.51
N GLY C 374 28.57 -18.10 -36.37
CA GLY C 374 27.47 -19.03 -36.42
C GLY C 374 26.30 -18.64 -35.55
N LEU C 375 26.48 -17.70 -34.67
CA LEU C 375 25.41 -17.27 -33.80
C LEU C 375 24.78 -16.02 -34.40
N PHE C 376 23.46 -16.05 -34.60
CA PHE C 376 22.74 -14.99 -35.27
C PHE C 376 21.69 -14.43 -34.32
N ALA C 377 21.22 -13.22 -34.66
CA ALA C 377 20.10 -12.59 -33.99
C ALA C 377 19.22 -11.88 -35.02
N VAL C 378 17.93 -11.84 -34.74
CA VAL C 378 16.96 -11.33 -35.70
C VAL C 378 15.69 -11.03 -34.92
N GLY C 379 14.89 -10.11 -35.44
CA GLY C 379 13.67 -9.72 -34.75
C GLY C 379 13.97 -8.68 -33.69
N GLU C 380 12.97 -8.47 -32.82
CA GLU C 380 13.11 -7.39 -31.84
C GLU C 380 14.28 -7.63 -30.90
N CYS C 381 14.63 -8.87 -30.60
CA CYS C 381 15.79 -9.08 -29.74
C CYS C 381 17.08 -8.57 -30.34
N SER C 382 17.10 -8.17 -31.60
CA SER C 382 18.35 -7.91 -32.29
C SER C 382 18.46 -6.43 -32.67
N SER C 383 19.68 -5.94 -32.86
CA SER C 383 19.85 -4.63 -33.49
C SER C 383 20.47 -4.85 -34.87
N VAL C 384 19.63 -5.00 -35.88
CA VAL C 384 20.19 -5.25 -37.21
C VAL C 384 20.62 -3.96 -37.91
N GLY C 385 20.25 -2.80 -37.38
CA GLY C 385 20.56 -1.57 -38.05
C GLY C 385 19.42 -1.01 -38.86
N LEU C 386 18.20 -1.52 -38.68
CA LEU C 386 17.10 -1.03 -39.49
C LEU C 386 16.44 0.21 -38.87
N HIS C 387 16.23 0.23 -37.54
CA HIS C 387 15.38 1.21 -36.86
C HIS C 387 16.10 2.48 -36.41
N GLY C 388 17.41 2.49 -36.28
CA GLY C 388 18.05 3.73 -35.90
C GLY C 388 17.61 4.11 -34.51
N ALA C 389 17.12 5.34 -34.35
CA ALA C 389 16.67 5.84 -33.06
C ALA C 389 15.14 5.93 -32.98
N ASN C 390 14.45 5.28 -33.89
CA ASN C 390 13.01 5.22 -33.78
C ASN C 390 12.46 4.25 -34.81
N ARG C 391 11.61 3.34 -34.39
CA ARG C 391 10.93 2.43 -35.30
C ARG C 391 9.66 3.07 -35.84
N LEU C 392 9.37 2.84 -37.12
CA LEU C 392 8.27 3.50 -37.80
C LEU C 392 7.26 2.51 -38.32
N GLY C 393 5.99 2.84 -38.11
CA GLY C 393 4.91 2.14 -38.80
C GLY C 393 4.98 0.65 -38.48
N SER C 394 4.87 -0.17 -39.53
CA SER C 394 4.93 -1.62 -39.41
C SER C 394 6.29 -2.17 -39.81
N ASN C 395 7.34 -1.36 -39.66
CA ASN C 395 8.66 -1.87 -39.98
C ASN C 395 9.07 -3.02 -39.07
N SER C 396 8.42 -3.19 -37.92
CA SER C 396 8.84 -4.27 -37.02
C SER C 396 8.22 -5.60 -37.39
N LEU C 397 6.94 -5.62 -37.77
CA LEU C 397 6.42 -6.84 -38.37
C LEU C 397 7.24 -7.21 -39.60
N ALA C 398 7.38 -6.27 -40.55
CA ALA C 398 8.05 -6.62 -41.81
C ALA C 398 9.51 -7.00 -41.59
N GLU C 399 10.17 -6.37 -40.62
CA GLU C 399 11.51 -6.81 -40.24
C GLU C 399 11.54 -8.32 -39.99
N LEU C 400 10.46 -8.86 -39.41
CA LEU C 400 10.46 -10.25 -39.00
C LEU C 400 10.55 -11.17 -40.20
N VAL C 401 9.78 -10.87 -41.25
CA VAL C 401 9.79 -11.73 -42.40
C VAL C 401 10.99 -11.44 -43.28
N VAL C 402 11.40 -10.16 -43.40
CA VAL C 402 12.51 -9.83 -44.30
C VAL C 402 13.83 -10.38 -43.77
N PHE C 403 14.11 -10.20 -42.48
CA PHE C 403 15.38 -10.60 -41.91
C PHE C 403 15.37 -12.00 -41.29
N GLY C 404 14.25 -12.46 -40.75
CA GLY C 404 14.15 -13.87 -40.42
C GLY C 404 14.54 -14.74 -41.59
N ARG C 405 14.04 -14.41 -42.79
CA ARG C 405 14.44 -15.19 -43.96
C ARG C 405 15.94 -15.13 -44.17
N LEU C 406 16.50 -13.93 -44.14
CA LEU C 406 17.93 -13.80 -44.40
C LEU C 406 18.73 -14.55 -43.36
N ALA C 407 18.43 -14.30 -42.07
CA ALA C 407 19.11 -15.02 -41.01
C ALA C 407 18.94 -16.51 -41.21
N GLY C 408 17.72 -16.95 -41.48
CA GLY C 408 17.51 -18.35 -41.76
C GLY C 408 18.43 -18.87 -42.85
N GLU C 409 18.46 -18.18 -44.00
CA GLU C 409 19.31 -18.60 -45.11
C GLU C 409 20.79 -18.52 -44.72
N GLN C 410 21.21 -17.40 -44.16
CA GLN C 410 22.60 -17.24 -43.80
C GLN C 410 23.02 -18.21 -42.71
N ALA C 411 22.10 -18.55 -41.81
CA ALA C 411 22.43 -19.51 -40.75
C ALA C 411 22.75 -20.88 -41.34
N THR C 412 21.92 -21.35 -42.27
CA THR C 412 22.20 -22.66 -42.87
C THR C 412 23.51 -22.69 -43.64
N GLU C 413 23.93 -21.56 -44.24
CA GLU C 413 25.23 -21.58 -44.90
C GLU C 413 26.37 -21.70 -43.90
N ARG C 414 26.21 -21.18 -42.68
CA ARG C 414 27.36 -21.30 -41.78
C ARG C 414 27.40 -22.64 -41.09
N ALA C 415 26.25 -23.25 -40.79
CA ALA C 415 26.25 -24.64 -40.33
C ALA C 415 26.87 -25.59 -41.37
N ALA C 416 26.79 -25.24 -42.65
CA ALA C 416 27.36 -26.10 -43.67
C ALA C 416 28.88 -26.07 -43.62
N THR C 417 29.47 -24.91 -43.34
CA THR C 417 30.91 -24.70 -43.53
C THR C 417 31.66 -24.59 -42.20
N ALA C 418 31.08 -25.10 -41.13
CA ALA C 418 31.60 -24.88 -39.79
C ALA C 418 32.63 -25.91 -39.35
N GLY C 419 32.74 -27.04 -40.04
CA GLY C 419 33.56 -28.10 -39.49
C GLY C 419 32.94 -28.56 -38.20
N ASN C 420 33.78 -28.79 -37.18
CA ASN C 420 33.24 -29.08 -35.87
C ASN C 420 34.34 -28.91 -34.81
N GLY C 421 33.91 -28.62 -33.59
CA GLY C 421 34.80 -28.16 -32.56
C GLY C 421 35.14 -29.21 -31.53
N ASN C 422 35.96 -28.80 -30.57
CA ASN C 422 36.43 -29.66 -29.50
C ASN C 422 35.22 -30.25 -28.78
N GLU C 423 34.83 -31.46 -29.16
CA GLU C 423 33.63 -32.06 -28.58
C GLU C 423 33.71 -32.10 -27.06
N ALA C 424 34.87 -32.43 -26.51
CA ALA C 424 35.00 -32.53 -25.07
C ALA C 424 34.84 -31.18 -24.41
N ALA C 425 35.25 -30.12 -25.10
CA ALA C 425 34.99 -28.77 -24.62
C ALA C 425 33.49 -28.52 -24.48
N ILE C 426 32.75 -28.72 -25.56
CA ILE C 426 31.32 -28.47 -25.58
C ILE C 426 30.63 -29.20 -24.46
N GLU C 427 30.88 -30.52 -24.37
CA GLU C 427 30.23 -31.31 -23.33
C GLU C 427 30.47 -30.72 -21.95
N ALA C 428 31.68 -30.20 -21.71
CA ALA C 428 31.96 -29.64 -20.39
C ALA C 428 31.14 -28.40 -20.16
N GLN C 429 31.14 -27.49 -21.14
CA GLN C 429 30.28 -26.31 -21.04
C GLN C 429 28.83 -26.72 -20.83
N ALA C 430 28.35 -27.70 -21.58
CA ALA C 430 26.99 -28.15 -21.37
C ALA C 430 26.78 -28.67 -19.95
N ALA C 431 27.85 -29.20 -19.33
CA ALA C 431 27.77 -29.64 -17.95
C ALA C 431 27.76 -28.46 -16.99
N GLY C 432 28.52 -27.42 -17.34
CA GLY C 432 28.48 -26.19 -16.57
C GLY C 432 27.08 -25.66 -16.42
N VAL C 433 26.32 -25.63 -17.52
CA VAL C 433 24.94 -25.14 -17.41
C VAL C 433 24.18 -25.96 -16.38
N GLU C 434 24.38 -27.28 -16.38
CA GLU C 434 23.71 -28.14 -15.41
C GLU C 434 24.09 -27.78 -13.97
N GLN C 435 25.40 -27.75 -13.67
CA GLN C 435 25.77 -27.53 -12.28
C GLN C 435 25.48 -26.10 -11.86
N ARG C 436 25.88 -25.11 -12.69
CA ARG C 436 25.47 -23.73 -12.45
C ARG C 436 24.00 -23.68 -12.10
N LEU C 437 23.19 -24.54 -12.72
CA LEU C 437 21.76 -24.53 -12.45
C LEU C 437 21.45 -25.14 -11.10
N LYS C 438 22.17 -26.19 -10.71
CA LYS C 438 21.93 -26.79 -9.40
C LYS C 438 22.55 -25.97 -8.28
N ASP C 439 23.45 -25.05 -8.60
CA ASP C 439 23.91 -24.05 -7.66
C ASP C 439 22.92 -22.88 -7.54
N LEU C 440 22.17 -22.56 -8.60
CA LEU C 440 21.14 -21.55 -8.47
C LEU C 440 20.07 -22.01 -7.49
N VAL C 441 19.49 -23.19 -7.74
CA VAL C 441 18.79 -23.85 -6.64
C VAL C 441 19.82 -24.22 -5.58
N ASN C 442 19.35 -24.43 -4.36
CA ASN C 442 20.25 -24.74 -3.24
C ASN C 442 21.17 -23.57 -2.91
N GLN C 443 20.98 -22.42 -3.57
CA GLN C 443 21.69 -21.20 -3.20
C GLN C 443 20.97 -20.51 -2.06
N ASP C 444 21.72 -20.16 -1.02
CA ASP C 444 21.15 -19.52 0.15
C ASP C 444 21.11 -18.01 -0.02
N GLY C 445 19.95 -17.44 0.24
CA GLY C 445 19.76 -16.01 0.31
C GLY C 445 18.43 -15.73 0.97
N GLY C 446 18.11 -14.44 1.06
CA GLY C 446 16.81 -14.08 1.59
C GLY C 446 16.03 -13.14 0.70
N GLU C 447 16.52 -12.90 -0.52
CA GLU C 447 15.89 -11.91 -1.38
C GLU C 447 14.68 -12.50 -2.09
N ASN C 448 13.63 -11.68 -2.20
CA ASN C 448 12.44 -12.04 -2.94
C ASN C 448 12.63 -11.59 -4.39
N TRP C 449 12.64 -12.55 -5.33
CA TRP C 449 12.87 -12.19 -6.73
C TRP C 449 11.79 -11.25 -7.24
N ALA C 450 10.54 -11.43 -6.79
CA ALA C 450 9.48 -10.52 -7.20
C ALA C 450 9.73 -9.11 -6.67
N LYS C 451 10.38 -9.00 -5.51
CA LYS C 451 10.77 -7.70 -5.00
C LYS C 451 11.80 -7.05 -5.90
N ILE C 452 12.94 -7.72 -6.11
CA ILE C 452 13.97 -7.20 -7.01
C ILE C 452 13.41 -6.86 -8.39
N ARG C 453 12.37 -7.57 -8.85
CA ARG C 453 11.74 -7.22 -10.12
C ARG C 453 11.10 -5.85 -10.07
N ASP C 454 10.30 -5.58 -9.03
CA ASP C 454 9.42 -4.42 -9.10
C ASP C 454 10.19 -3.13 -8.91
N GLU C 455 11.30 -3.17 -8.17
CA GLU C 455 12.11 -1.97 -8.06
C GLU C 455 12.86 -1.73 -9.37
N MET C 456 13.43 -2.78 -9.97
CA MET C 456 13.99 -2.64 -11.32
C MET C 456 13.01 -1.90 -12.22
N GLY C 457 11.81 -2.44 -12.36
CA GLY C 457 10.81 -1.77 -13.18
C GLY C 457 10.65 -0.30 -12.82
N LEU C 458 10.60 -0.02 -11.52
CA LEU C 458 10.47 1.35 -11.02
C LEU C 458 11.63 2.22 -11.45
N ALA C 459 12.85 1.80 -11.12
CA ALA C 459 14.03 2.57 -11.47
C ALA C 459 14.05 2.89 -12.97
N MET C 460 13.75 1.89 -13.79
CA MET C 460 13.72 2.07 -15.23
C MET C 460 12.67 3.13 -15.62
N GLU C 461 11.47 2.99 -15.06
CA GLU C 461 10.39 3.91 -15.40
C GLU C 461 10.80 5.33 -15.09
N GLU C 462 11.37 5.55 -13.90
CA GLU C 462 11.69 6.91 -13.45
C GLU C 462 12.86 7.48 -14.22
N GLY C 463 13.98 6.77 -14.23
CA GLY C 463 15.23 7.32 -14.71
C GLY C 463 15.59 7.08 -16.16
N CYS C 464 14.81 6.31 -16.91
CA CYS C 464 15.13 5.93 -18.29
C CYS C 464 13.92 6.11 -19.17
N GLY C 465 13.29 7.27 -19.06
CA GLY C 465 12.01 7.51 -19.63
C GLY C 465 12.06 8.52 -20.76
N ILE C 466 10.87 9.01 -21.11
CA ILE C 466 10.68 9.91 -22.24
C ILE C 466 11.72 11.02 -22.33
N TYR C 467 11.96 11.73 -21.23
CA TYR C 467 13.06 12.68 -21.14
C TYR C 467 13.88 12.32 -19.90
N ARG C 468 15.19 12.55 -19.98
CA ARG C 468 16.13 12.01 -19.01
C ARG C 468 17.15 13.09 -18.63
N THR C 469 17.73 12.93 -17.45
CA THR C 469 18.73 13.82 -16.89
C THR C 469 19.82 13.00 -16.23
N PRO C 470 21.04 13.51 -16.17
CA PRO C 470 22.13 12.75 -15.54
C PRO C 470 21.80 12.30 -14.12
N GLU C 471 21.44 13.21 -13.20
CA GLU C 471 21.11 12.78 -11.84
C GLU C 471 20.13 11.61 -11.88
N LEU C 472 19.02 11.79 -12.58
CA LEU C 472 17.96 10.80 -12.55
C LEU C 472 18.38 9.49 -13.24
N MET C 473 19.21 9.57 -14.29
CA MET C 473 19.81 8.36 -14.84
C MET C 473 20.76 7.73 -13.84
N GLN C 474 21.54 8.57 -13.15
CA GLN C 474 22.55 8.08 -12.21
C GLN C 474 21.91 7.39 -11.03
N LYS C 475 20.78 7.91 -10.54
CA LYS C 475 20.07 7.21 -9.49
C LYS C 475 19.64 5.83 -9.94
N THR C 476 19.27 5.70 -11.21
CA THR C 476 18.85 4.41 -11.73
C THR C 476 20.04 3.46 -11.94
N ILE C 477 21.15 3.97 -12.46
CA ILE C 477 22.35 3.15 -12.56
C ILE C 477 22.70 2.56 -11.20
N ASP C 478 22.85 3.43 -10.19
CA ASP C 478 23.09 2.98 -8.83
C ASP C 478 22.08 1.93 -8.40
N LYS C 479 20.79 2.24 -8.57
CA LYS C 479 19.74 1.33 -8.11
C LYS C 479 19.93 -0.06 -8.71
N LEU C 480 20.40 -0.13 -9.94
CA LEU C 480 20.54 -1.44 -10.58
C LEU C 480 21.78 -2.17 -10.06
N ALA C 481 22.91 -1.48 -9.98
CA ALA C 481 24.09 -2.14 -9.44
C ALA C 481 23.82 -2.66 -8.04
N GLU C 482 22.96 -1.97 -7.28
CA GLU C 482 22.60 -2.47 -5.96
C GLU C 482 21.65 -3.65 -6.07
N LEU C 483 20.65 -3.58 -6.95
CA LEU C 483 19.78 -4.76 -7.15
C LEU C 483 20.58 -5.93 -7.71
N GLN C 484 21.62 -5.64 -8.48
CA GLN C 484 22.47 -6.68 -9.04
C GLN C 484 23.12 -7.50 -7.92
N GLU C 485 23.70 -6.82 -6.93
CA GLU C 485 24.32 -7.53 -5.80
C GLU C 485 23.26 -8.29 -5.00
N ARG C 486 22.10 -7.68 -4.76
CA ARG C 486 21.00 -8.42 -4.13
C ARG C 486 20.60 -9.65 -4.95
N PHE C 487 20.82 -9.61 -6.26
CA PHE C 487 20.42 -10.76 -7.07
C PHE C 487 21.19 -12.01 -6.66
N LYS C 488 22.48 -11.87 -6.31
CA LYS C 488 23.26 -13.05 -5.98
C LYS C 488 22.75 -13.75 -4.72
N ARG C 489 21.74 -13.18 -4.04
CA ARG C 489 21.20 -13.77 -2.82
C ARG C 489 19.68 -13.81 -2.85
N VAL C 490 19.12 -14.33 -3.94
CA VAL C 490 17.69 -14.63 -4.01
C VAL C 490 17.48 -16.07 -3.56
N ARG C 491 16.27 -16.38 -3.09
CA ARG C 491 15.92 -17.70 -2.59
C ARG C 491 14.87 -18.31 -3.50
N ILE C 492 15.25 -19.37 -4.19
CA ILE C 492 14.31 -20.18 -4.96
C ILE C 492 13.56 -21.09 -3.98
N THR C 493 12.25 -20.89 -3.89
CA THR C 493 11.44 -21.60 -2.90
C THR C 493 11.39 -23.10 -3.13
N ASP C 494 12.45 -23.80 -2.73
CA ASP C 494 12.53 -25.28 -2.74
C ASP C 494 12.33 -25.79 -4.17
N THR C 495 11.72 -26.96 -4.31
CA THR C 495 11.35 -27.50 -5.61
C THR C 495 10.19 -28.47 -5.42
N SER C 496 9.19 -28.38 -6.31
CA SER C 496 8.11 -29.35 -6.36
C SER C 496 7.58 -29.44 -7.78
N VAL C 498 7.73 -30.83 -13.78
CA VAL C 498 7.97 -29.39 -13.72
C VAL C 498 8.86 -29.04 -12.53
N PHE C 499 10.08 -28.56 -12.81
CA PHE C 499 10.94 -28.04 -11.76
C PHE C 499 10.51 -26.63 -11.36
N ASN C 500 11.01 -26.18 -10.20
CA ASN C 500 10.56 -24.93 -9.54
C ASN C 500 10.46 -23.73 -10.47
N THR C 501 9.31 -23.56 -11.14
CA THR C 501 9.03 -22.43 -12.02
C THR C 501 9.70 -21.14 -11.56
N ASP C 502 9.62 -20.85 -10.26
CA ASP C 502 10.36 -19.72 -9.70
C ASP C 502 11.81 -19.69 -10.19
N LEU C 503 12.42 -20.85 -10.42
CA LEU C 503 13.79 -20.87 -10.91
C LEU C 503 13.93 -20.10 -12.22
N LEU C 504 12.94 -20.22 -13.11
CA LEU C 504 13.03 -19.57 -14.40
C LEU C 504 12.74 -18.09 -14.30
N TYR C 505 11.75 -17.71 -13.47
CA TYR C 505 11.47 -16.29 -13.27
C TYR C 505 12.71 -15.57 -12.76
N THR C 506 13.54 -16.24 -11.98
CA THR C 506 14.67 -15.47 -11.47
C THR C 506 15.79 -15.46 -12.47
N ILE C 507 15.80 -16.42 -13.40
CA ILE C 507 16.73 -16.37 -14.51
C ILE C 507 16.32 -15.28 -15.48
N GLU C 508 15.02 -15.20 -15.77
CA GLU C 508 14.45 -14.08 -16.49
C GLU C 508 14.92 -12.76 -15.87
N LEU C 509 14.59 -12.56 -14.61
CA LEU C 509 14.99 -11.34 -13.92
C LEU C 509 16.48 -11.07 -14.05
N GLY C 510 17.30 -12.10 -13.94
CA GLY C 510 18.75 -11.91 -14.11
C GLY C 510 19.09 -11.33 -15.48
N HIS C 511 18.42 -11.82 -16.53
CA HIS C 511 18.62 -11.25 -17.87
C HIS C 511 18.18 -9.79 -17.93
N GLY C 512 16.98 -9.50 -17.41
CA GLY C 512 16.50 -8.14 -17.40
C GLY C 512 17.46 -7.16 -16.77
N LEU C 513 18.05 -7.52 -15.63
CA LEU C 513 18.95 -6.60 -14.96
C LEU C 513 20.13 -6.26 -15.85
N ASN C 514 20.80 -7.29 -16.40
CA ASN C 514 21.93 -7.01 -17.29
C ASN C 514 21.49 -6.20 -18.50
N VAL C 515 20.28 -6.46 -18.99
CA VAL C 515 19.80 -5.69 -20.12
C VAL C 515 19.44 -4.29 -19.66
N ALA C 516 18.97 -4.14 -18.41
CA ALA C 516 18.68 -2.80 -17.90
C ALA C 516 19.95 -2.00 -17.65
N GLU C 517 21.03 -2.66 -17.21
CA GLU C 517 22.28 -1.92 -17.03
C GLU C 517 22.79 -1.37 -18.35
N CYS C 518 22.72 -2.17 -19.43
CA CYS C 518 23.13 -1.66 -20.74
C CYS C 518 22.31 -0.45 -21.15
N MET C 519 21.00 -0.48 -20.89
CA MET C 519 20.16 0.65 -21.28
C MET C 519 20.55 1.92 -20.53
N ALA C 520 20.66 1.80 -19.19
CA ALA C 520 20.97 2.96 -18.38
C ALA C 520 22.34 3.52 -18.69
N HIS C 521 23.38 2.69 -18.61
CA HIS C 521 24.71 3.18 -18.94
C HIS C 521 24.76 3.77 -20.34
N SER C 522 24.09 3.13 -21.31
CA SER C 522 24.12 3.64 -22.68
C SER C 522 23.57 5.05 -22.74
N ALA C 523 22.45 5.28 -22.05
CA ALA C 523 21.81 6.57 -22.13
C ALA C 523 22.61 7.62 -21.40
N MET C 524 23.06 7.29 -20.19
CA MET C 524 23.91 8.18 -19.42
C MET C 524 25.09 8.66 -20.24
N ALA C 525 25.68 7.79 -21.04
CA ALA C 525 26.87 8.18 -21.77
C ALA C 525 26.57 8.85 -23.08
N ARG C 526 25.34 8.79 -23.60
CA ARG C 526 25.07 9.36 -24.92
C ARG C 526 24.67 10.81 -24.69
N LYS C 527 25.65 11.68 -24.79
CA LYS C 527 25.47 13.08 -24.37
C LYS C 527 24.92 13.88 -25.54
N GLU C 528 23.67 13.59 -25.89
CA GLU C 528 22.95 14.15 -27.04
C GLU C 528 21.49 13.72 -26.94
N SER C 529 20.68 14.20 -27.86
CA SER C 529 19.25 13.92 -27.90
C SER C 529 18.90 13.48 -29.32
N ARG C 530 18.37 12.28 -29.45
CA ARG C 530 18.13 11.72 -30.78
C ARG C 530 16.96 10.76 -30.71
N GLY C 531 15.95 10.98 -31.55
CA GLY C 531 14.78 10.13 -31.52
C GLY C 531 14.27 9.81 -30.13
N ALA C 532 14.12 8.51 -29.83
CA ALA C 532 13.51 8.07 -28.58
C ALA C 532 14.35 8.37 -27.35
N HIS C 533 15.58 8.87 -27.50
CA HIS C 533 16.48 9.22 -26.39
C HIS C 533 16.61 10.74 -26.34
N GLN C 534 16.07 11.35 -25.28
CA GLN C 534 16.01 12.80 -25.12
C GLN C 534 16.50 13.17 -23.72
N ARG C 535 17.45 14.10 -23.66
CA ARG C 535 18.04 14.55 -22.42
C ARG C 535 17.72 16.03 -22.19
N LEU C 536 17.63 16.43 -20.92
CA LEU C 536 17.35 17.82 -20.54
C LEU C 536 18.59 18.60 -20.15
N ASP C 537 19.65 17.95 -19.69
CA ASP C 537 20.79 18.71 -19.20
C ASP C 537 21.37 19.52 -20.33
N GLU C 538 21.85 20.70 -19.99
CA GLU C 538 22.29 21.63 -21.02
C GLU C 538 23.43 21.05 -21.84
N GLY C 539 23.39 21.29 -23.14
CA GLY C 539 24.40 20.76 -24.02
C GLY C 539 24.14 19.35 -24.51
N CYS C 540 23.00 18.77 -24.15
CA CYS C 540 22.60 17.46 -24.60
C CYS C 540 21.19 17.45 -25.17
N THR C 541 20.62 18.61 -25.44
CA THR C 541 19.21 18.64 -25.82
C THR C 541 19.02 18.62 -27.33
N GLU C 542 20.09 18.60 -28.08
CA GLU C 542 20.03 18.59 -29.54
C GLU C 542 20.67 17.31 -30.06
N ARG C 543 20.49 17.08 -31.35
CA ARG C 543 21.04 15.90 -32.00
C ARG C 543 22.45 16.27 -32.43
N ASP C 544 23.45 15.60 -31.87
CA ASP C 544 24.84 15.93 -32.16
C ASP C 544 25.38 14.93 -33.18
N ASP C 545 25.38 15.32 -34.46
CA ASP C 545 25.93 14.45 -35.49
C ASP C 545 27.45 14.49 -35.52
N VAL C 546 28.07 15.49 -34.91
CA VAL C 546 29.52 15.55 -34.95
C VAL C 546 30.11 14.49 -34.07
N ASN C 547 29.58 14.31 -32.87
CA ASN C 547 30.20 13.44 -31.89
C ASN C 547 29.39 12.20 -31.60
N PHE C 548 28.18 12.11 -32.11
CA PHE C 548 27.36 10.98 -31.71
C PHE C 548 26.62 10.28 -32.85
N LEU C 549 26.91 10.60 -34.12
CA LEU C 549 26.59 9.70 -35.21
C LEU C 549 27.38 8.40 -35.03
N LYS C 550 26.96 7.58 -34.06
CA LYS C 550 27.71 6.44 -33.55
C LYS C 550 26.69 5.54 -32.87
N HIS C 551 26.94 4.24 -32.90
CA HIS C 551 26.15 3.29 -32.11
C HIS C 551 26.82 3.08 -30.76
N THR C 552 26.00 3.06 -29.72
CA THR C 552 26.44 2.53 -28.44
C THR C 552 26.54 1.02 -28.49
N LEU C 553 27.67 0.46 -28.03
CA LEU C 553 27.87 -0.98 -27.86
C LEU C 553 28.08 -1.24 -26.38
N ALA C 554 27.16 -1.96 -25.74
CA ALA C 554 27.28 -2.29 -24.32
C ALA C 554 27.70 -3.74 -24.16
N PHE C 555 28.84 -3.96 -23.48
CA PHE C 555 29.35 -5.26 -23.12
C PHE C 555 29.17 -5.51 -21.63
N ARG C 556 29.03 -6.76 -21.22
CA ARG C 556 29.03 -7.13 -19.80
C ARG C 556 30.18 -8.10 -19.56
N ASP C 557 31.28 -7.63 -18.97
CA ASP C 557 32.48 -8.44 -18.86
C ASP C 557 32.35 -9.47 -17.73
N ALA C 558 33.39 -10.30 -17.61
CA ALA C 558 33.37 -11.42 -16.65
C ALA C 558 32.98 -10.96 -15.26
N ASP C 559 33.48 -9.79 -14.86
CA ASP C 559 33.42 -9.35 -13.48
C ASP C 559 32.21 -8.49 -13.18
N GLY C 560 31.09 -8.74 -13.86
CA GLY C 560 29.85 -8.01 -13.60
C GLY C 560 29.77 -6.58 -14.12
N THR C 561 30.79 -6.09 -14.83
CA THR C 561 30.80 -4.68 -15.19
C THR C 561 30.28 -4.45 -16.59
N THR C 562 29.67 -3.29 -16.77
CA THR C 562 29.16 -2.86 -18.07
C THR C 562 30.14 -1.83 -18.65
N ARG C 563 30.86 -2.21 -19.72
CA ARG C 563 31.70 -1.30 -20.47
C ARG C 563 31.02 -0.90 -21.77
N LEU C 564 31.33 0.31 -22.25
CA LEU C 564 30.71 0.90 -23.42
C LEU C 564 31.74 1.09 -24.53
N GLU C 565 31.32 0.85 -25.77
CA GLU C 565 32.11 1.11 -26.97
C GLU C 565 31.23 1.84 -27.98
N TYR C 566 31.82 2.23 -29.11
CA TYR C 566 31.06 2.86 -30.18
C TYR C 566 31.52 2.35 -31.54
N SER C 567 30.63 2.45 -32.50
CA SER C 567 30.92 2.07 -33.86
C SER C 567 30.30 3.09 -34.79
N ASP C 568 30.92 3.27 -35.95
CA ASP C 568 30.40 4.23 -36.90
C ASP C 568 29.08 3.74 -37.50
N VAL C 569 28.26 4.69 -37.93
CA VAL C 569 27.06 4.38 -38.69
C VAL C 569 27.41 4.35 -40.16
N LYS C 570 26.84 3.40 -40.90
CA LYS C 570 27.12 3.29 -42.32
C LYS C 570 26.19 4.23 -43.08
N ILE C 571 26.78 5.12 -43.86
CA ILE C 571 26.05 6.00 -44.76
C ILE C 571 26.32 5.57 -46.20
N THR C 572 25.27 5.57 -47.01
CA THR C 572 25.37 5.32 -48.45
C THR C 572 24.89 6.55 -49.21
N THR C 573 23.59 6.77 -49.27
CA THR C 573 22.93 7.78 -50.10
C THR C 573 22.45 9.02 -49.30
N LEU C 574 22.35 8.94 -47.98
CA LEU C 574 21.63 9.95 -47.18
C LEU C 574 22.45 10.47 -46.00
N PRO C 575 23.34 11.44 -46.25
CA PRO C 575 24.04 12.07 -45.11
C PRO C 575 23.07 12.85 -44.23
N PRO C 576 23.35 12.94 -42.92
CA PRO C 576 22.41 13.63 -42.02
C PRO C 576 22.04 15.02 -42.51
N ALA C 577 20.74 15.32 -42.41
CA ALA C 577 20.17 16.52 -42.98
C ALA C 577 18.78 16.75 -42.39
N ALA D 2 2.76 -25.93 -10.72
CA ALA D 2 2.71 -24.70 -11.51
C ALA D 2 3.04 -24.97 -12.99
N ILE D 4 0.20 -26.05 -15.16
CA ILE D 4 -0.92 -25.36 -15.81
C ILE D 4 -0.84 -23.86 -15.56
N HIS D 5 -0.24 -23.46 -14.43
CA HIS D 5 0.14 -22.06 -14.18
C HIS D 5 0.88 -21.46 -15.38
N TRP D 6 1.69 -22.26 -16.07
CA TRP D 6 2.41 -21.75 -17.24
C TRP D 6 1.48 -21.53 -18.43
N ALA D 7 0.34 -22.22 -18.50
CA ALA D 7 -0.60 -22.05 -19.60
C ALA D 7 -1.30 -20.70 -19.56
N CYS D 8 -1.21 -19.98 -18.44
CA CYS D 8 -1.71 -18.62 -18.35
C CYS D 8 -0.64 -17.59 -18.65
N ARG D 9 0.49 -18.04 -19.21
CA ARG D 9 1.55 -17.15 -19.66
C ARG D 9 1.32 -16.83 -21.13
N ARG D 10 1.00 -15.57 -21.43
CA ARG D 10 0.41 -15.18 -22.69
C ARG D 10 1.30 -14.20 -23.45
N GLY D 11 0.94 -14.00 -24.73
CA GLY D 11 1.62 -13.07 -25.61
C GLY D 11 1.01 -11.68 -25.61
N MET D 12 -0.27 -11.59 -25.31
CA MET D 12 -0.95 -10.33 -25.07
C MET D 12 -1.03 -10.05 -23.57
N ARG D 13 -0.68 -8.83 -23.17
CA ARG D 13 -0.76 -8.47 -21.76
C ARG D 13 -2.21 -8.29 -21.31
N GLU D 14 -3.15 -8.10 -22.24
CA GLU D 14 -4.56 -8.02 -21.85
C GLU D 14 -5.01 -9.33 -21.22
N LEU D 15 -4.41 -10.45 -21.61
CA LEU D 15 -4.74 -11.75 -21.02
C LEU D 15 -3.95 -12.00 -19.75
N ASP D 16 -2.70 -11.54 -19.71
CA ASP D 16 -1.93 -11.65 -18.48
C ASP D 16 -2.60 -10.94 -17.32
N ILE D 17 -3.39 -9.89 -17.62
CA ILE D 17 -4.07 -9.12 -16.58
C ILE D 17 -5.43 -9.72 -16.24
N SER D 18 -6.06 -10.42 -17.18
CA SER D 18 -7.36 -11.02 -16.93
C SER D 18 -7.28 -12.45 -16.44
N ILE D 19 -6.17 -13.15 -16.68
CA ILE D 19 -6.06 -14.57 -16.38
C ILE D 19 -5.01 -14.83 -15.31
N MET D 20 -3.79 -14.30 -15.49
CA MET D 20 -2.68 -14.64 -14.60
C MET D 20 -2.95 -14.31 -13.14
N PRO D 21 -3.58 -13.18 -12.78
CA PRO D 21 -3.93 -12.97 -11.37
C PRO D 21 -5.23 -13.62 -10.96
N PHE D 22 -5.99 -14.19 -11.90
CA PHE D 22 -7.18 -14.94 -11.51
C PHE D 22 -6.81 -16.12 -10.61
N PHE D 23 -5.68 -16.77 -10.90
CA PHE D 23 -5.23 -17.90 -10.08
C PHE D 23 -4.98 -17.47 -8.63
N GLU D 24 -4.36 -16.31 -8.43
CA GLU D 24 -4.06 -15.82 -7.09
C GLU D 24 -5.28 -15.21 -6.38
N HIS D 25 -6.39 -15.02 -7.11
CA HIS D 25 -7.66 -14.60 -6.52
C HIS D 25 -8.64 -15.75 -6.33
N GLU D 26 -8.62 -16.75 -7.22
CA GLU D 26 -9.47 -17.92 -7.04
C GLU D 26 -8.85 -18.94 -6.10
N TYR D 27 -7.54 -18.89 -5.88
CA TYR D 27 -6.80 -19.95 -5.23
C TYR D 27 -7.07 -21.26 -5.97
N ASP D 28 -7.28 -22.35 -5.23
CA ASP D 28 -7.84 -23.58 -5.78
C ASP D 28 -9.32 -23.62 -5.42
N SER D 29 -10.18 -23.70 -6.44
CA SER D 29 -11.62 -23.64 -6.18
C SER D 29 -12.36 -24.82 -6.81
N LEU D 30 -13.48 -24.54 -7.49
CA LEU D 30 -14.38 -25.56 -8.01
C LEU D 30 -13.66 -26.53 -8.94
N SER D 31 -13.40 -27.74 -8.43
CA SER D 31 -12.70 -28.76 -9.19
C SER D 31 -13.65 -29.55 -10.07
N ASP D 32 -13.37 -30.84 -10.20
CA ASP D 32 -14.11 -31.74 -11.10
C ASP D 32 -14.10 -31.10 -12.50
N ASP D 33 -15.26 -30.66 -13.03
CA ASP D 33 -15.52 -30.25 -14.41
C ASP D 33 -15.23 -28.77 -14.68
N GLU D 34 -15.03 -27.96 -13.64
CA GLU D 34 -14.68 -26.56 -13.77
C GLU D 34 -13.20 -26.36 -14.00
N LYS D 35 -12.34 -27.15 -13.35
CA LYS D 35 -10.95 -27.23 -13.77
C LYS D 35 -10.84 -27.62 -15.24
N ARG D 36 -11.70 -28.54 -15.70
CA ARG D 36 -11.66 -29.11 -17.04
C ARG D 36 -12.23 -28.17 -18.10
N ILE D 37 -12.87 -27.07 -17.70
CA ILE D 37 -13.24 -26.03 -18.66
C ILE D 37 -12.11 -25.01 -18.83
N PHE D 38 -11.43 -24.67 -17.73
CA PHE D 38 -10.29 -23.76 -17.81
C PHE D 38 -9.25 -24.28 -18.81
N ILE D 39 -8.70 -25.46 -18.52
CA ILE D 39 -7.52 -25.98 -19.22
C ILE D 39 -7.75 -26.09 -20.72
N ARG D 40 -9.00 -26.25 -21.16
CA ARG D 40 -9.25 -26.40 -22.60
C ARG D 40 -9.35 -25.07 -23.32
N LEU D 41 -9.79 -24.02 -22.62
CA LEU D 41 -9.73 -22.68 -23.21
C LEU D 41 -8.31 -22.33 -23.61
N LEU D 42 -7.35 -22.54 -22.69
CA LEU D 42 -5.96 -22.16 -22.94
C LEU D 42 -5.45 -22.70 -24.27
N GLU D 43 -5.90 -23.89 -24.66
CA GLU D 43 -5.48 -24.51 -25.91
C GLU D 43 -5.94 -23.71 -27.13
N CYS D 44 -6.97 -22.88 -26.99
CA CYS D 44 -7.46 -22.07 -28.11
C CYS D 44 -6.52 -20.91 -28.37
N ASP D 45 -6.44 -20.51 -29.64
CA ASP D 45 -5.52 -19.46 -30.05
C ASP D 45 -5.81 -18.18 -29.25
N ASP D 46 -4.78 -17.33 -29.12
CA ASP D 46 -4.88 -16.24 -28.15
C ASP D 46 -5.89 -15.17 -28.56
N PRO D 47 -5.81 -14.55 -29.79
CA PRO D 47 -6.78 -13.50 -30.11
C PRO D 47 -8.21 -14.02 -30.19
N ASP D 48 -8.38 -15.32 -29.99
CA ASP D 48 -9.71 -15.86 -29.74
C ASP D 48 -10.11 -15.64 -28.28
N LEU D 49 -9.22 -15.99 -27.34
CA LEU D 49 -9.47 -15.75 -25.92
C LEU D 49 -9.83 -14.29 -25.65
N PHE D 50 -8.88 -13.36 -25.89
CA PHE D 50 -9.14 -11.95 -25.66
C PHE D 50 -10.36 -11.45 -26.43
N ASN D 51 -10.82 -12.19 -27.44
CA ASN D 51 -12.02 -11.80 -28.17
C ASN D 51 -13.30 -12.13 -27.41
N TRP D 52 -13.32 -13.29 -26.76
CA TRP D 52 -14.49 -13.73 -26.00
C TRP D 52 -14.55 -13.16 -24.60
N LEU D 53 -13.56 -12.36 -24.21
CA LEU D 53 -13.57 -11.66 -22.93
C LEU D 53 -14.05 -10.22 -23.07
N MET D 54 -13.64 -9.53 -24.13
CA MET D 54 -14.24 -8.27 -24.52
C MET D 54 -15.55 -8.45 -25.28
N ASN D 55 -16.08 -9.68 -25.28
CA ASN D 55 -17.36 -10.02 -25.92
C ASN D 55 -17.46 -9.43 -27.32
N HIS D 56 -16.37 -9.50 -28.08
CA HIS D 56 -16.37 -9.17 -29.51
C HIS D 56 -16.55 -10.45 -30.34
N GLY D 57 -17.56 -11.21 -29.98
CA GLY D 57 -17.78 -12.55 -30.52
C GLY D 57 -18.13 -13.51 -29.39
N LYS D 58 -18.79 -14.61 -29.75
CA LYS D 58 -19.25 -15.60 -28.80
C LYS D 58 -18.50 -16.93 -28.99
N PRO D 59 -18.31 -17.71 -27.92
CA PRO D 59 -17.56 -18.97 -28.04
C PRO D 59 -18.48 -20.09 -28.52
N ALA D 60 -18.00 -20.84 -29.53
CA ALA D 60 -18.80 -21.91 -30.11
C ALA D 60 -19.24 -22.92 -29.05
N ASP D 61 -18.32 -23.34 -28.19
CA ASP D 61 -18.68 -24.26 -27.12
C ASP D 61 -19.52 -23.53 -26.07
N ALA D 62 -20.53 -24.23 -25.55
CA ALA D 62 -21.27 -23.74 -24.39
C ALA D 62 -20.58 -24.09 -23.08
N GLU D 63 -19.62 -25.02 -23.10
CA GLU D 63 -18.66 -25.17 -22.01
C GLU D 63 -17.54 -24.14 -22.11
N LEU D 64 -17.31 -23.58 -23.30
CA LEU D 64 -16.51 -22.37 -23.43
C LEU D 64 -17.28 -21.17 -22.89
N GLU D 65 -18.50 -20.94 -23.39
CA GLU D 65 -19.38 -19.94 -22.80
C GLU D 65 -19.50 -20.12 -21.28
N MET D 66 -19.45 -21.37 -20.81
CA MET D 66 -19.44 -21.63 -19.37
C MET D 66 -18.27 -20.93 -18.69
N MET D 67 -17.04 -21.33 -19.05
CA MET D 67 -15.87 -20.94 -18.28
C MET D 67 -15.42 -19.50 -18.52
N VAL D 68 -15.78 -18.89 -19.63
CA VAL D 68 -15.36 -17.51 -19.89
C VAL D 68 -16.03 -16.62 -18.86
N ARG D 69 -17.34 -16.43 -18.98
CA ARG D 69 -18.08 -15.56 -18.09
C ARG D 69 -18.18 -16.12 -16.69
N LEU D 70 -17.66 -17.32 -16.45
CA LEU D 70 -17.49 -17.81 -15.09
C LEU D 70 -16.34 -17.07 -14.41
N ILE D 71 -15.34 -16.65 -15.17
CA ILE D 71 -14.20 -15.89 -14.67
C ILE D 71 -14.38 -14.39 -14.88
N GLN D 72 -14.96 -14.00 -16.02
CA GLN D 72 -15.18 -12.59 -16.31
C GLN D 72 -15.96 -11.91 -15.20
N THR D 73 -16.93 -12.61 -14.61
CA THR D 73 -17.63 -12.09 -13.44
C THR D 73 -16.73 -12.13 -12.20
N ARG D 74 -16.13 -13.30 -11.92
CA ARG D 74 -15.31 -13.44 -10.72
C ARG D 74 -14.18 -12.42 -10.67
N ASN D 75 -13.66 -11.99 -11.83
CA ASN D 75 -12.59 -11.00 -11.86
C ASN D 75 -13.12 -9.57 -11.78
N ARG D 76 -14.32 -9.33 -12.30
CA ARG D 76 -14.94 -8.01 -12.14
C ARG D 76 -15.21 -7.69 -10.67
N GLU D 77 -15.36 -8.72 -9.82
CA GLU D 77 -15.70 -8.55 -8.42
C GLU D 77 -14.53 -8.08 -7.56
N ARG D 78 -13.30 -8.07 -8.09
CA ARG D 78 -12.11 -7.76 -7.31
C ARG D 78 -11.51 -6.40 -7.61
N GLY D 79 -11.45 -5.99 -8.88
CA GLY D 79 -10.92 -4.69 -9.26
C GLY D 79 -11.93 -3.82 -9.97
#